data_3BNP
# 
_entry.id   3BNP 
# 
_audit_conform.dict_name       mmcif_pdbx.dic 
_audit_conform.dict_version    5.387 
_audit_conform.dict_location   http://mmcif.pdb.org/dictionaries/ascii/mmcif_pdbx.dic 
# 
loop_
_database_2.database_id 
_database_2.database_code 
_database_2.pdbx_database_accession 
_database_2.pdbx_DOI 
PDB   3BNP         pdb_00003bnp 10.2210/pdb3bnp/pdb 
NDB   AR0088       ?            ?                   
RCSB  RCSB045741   ?            ?                   
WWPDB D_1000045741 ?            ?                   
# 
loop_
_pdbx_audit_revision_history.ordinal 
_pdbx_audit_revision_history.data_content_type 
_pdbx_audit_revision_history.major_revision 
_pdbx_audit_revision_history.minor_revision 
_pdbx_audit_revision_history.revision_date 
1 'Structure model' 1 0 2008-06-24 
2 'Structure model' 1 1 2011-07-13 
3 'Structure model' 1 2 2024-02-21 
# 
_pdbx_audit_revision_details.ordinal             1 
_pdbx_audit_revision_details.revision_ordinal    1 
_pdbx_audit_revision_details.data_content_type   'Structure model' 
_pdbx_audit_revision_details.provider            repository 
_pdbx_audit_revision_details.type                'Initial release' 
_pdbx_audit_revision_details.description         ? 
_pdbx_audit_revision_details.details             ? 
# 
loop_
_pdbx_audit_revision_group.ordinal 
_pdbx_audit_revision_group.revision_ordinal 
_pdbx_audit_revision_group.data_content_type 
_pdbx_audit_revision_group.group 
1 2 'Structure model' 'Version format compliance' 
2 3 'Structure model' 'Data collection'           
3 3 'Structure model' 'Database references'       
# 
loop_
_pdbx_audit_revision_category.ordinal 
_pdbx_audit_revision_category.revision_ordinal 
_pdbx_audit_revision_category.data_content_type 
_pdbx_audit_revision_category.category 
1 3 'Structure model' chem_comp_atom 
2 3 'Structure model' chem_comp_bond 
3 3 'Structure model' database_2     
# 
loop_
_pdbx_audit_revision_item.ordinal 
_pdbx_audit_revision_item.revision_ordinal 
_pdbx_audit_revision_item.data_content_type 
_pdbx_audit_revision_item.item 
1 3 'Structure model' '_database_2.pdbx_DOI'                
2 3 'Structure model' '_database_2.pdbx_database_accession' 
# 
_pdbx_database_status.entry_id                        3BNP 
_pdbx_database_status.status_code                     REL 
_pdbx_database_status.status_code_sf                  REL 
_pdbx_database_status.deposit_site                    RCSB 
_pdbx_database_status.process_site                    RCSB 
_pdbx_database_status.recvd_initial_deposition_date   2007-12-14 
_pdbx_database_status.SG_entry                        N 
_pdbx_database_status.status_code_mr                  ? 
_pdbx_database_status.pdb_format_compatible           Y 
_pdbx_database_status.status_code_cs                  ? 
_pdbx_database_status.status_code_nmr_data            ? 
_pdbx_database_status.methods_development_category    ? 
# 
loop_
_pdbx_database_related.db_name 
_pdbx_database_related.db_id 
_pdbx_database_related.details 
_pdbx_database_related.content_type 
PDB 3BNL . unspecified 
PDB 3BNN . unspecified 
PDB 3BNO . unspecified 
PDB 3BNQ . unspecified 
PDB 3BNR . unspecified 
PDB 3BNS . unspecified 
PDB 3BNT . unspecified 
# 
loop_
_audit_author.name 
_audit_author.pdbx_ordinal 
'Kondo, J.'   1 
'Westhof, E.' 2 
# 
_citation.id                        primary 
_citation.title                     
'The bacterial and mitochondrial ribosomal A-site molecular switches possess different conformational substates' 
_citation.journal_abbrev            'Nucleic Acids Res.' 
_citation.journal_volume            36 
_citation.page_first                2654 
_citation.page_last                 2666 
_citation.year                      2008 
_citation.journal_id_ASTM           NARHAD 
_citation.country                   UK 
_citation.journal_id_ISSN           0305-1048 
_citation.journal_id_CSD            0389 
_citation.book_publisher            ? 
_citation.pdbx_database_id_PubMed   18346970 
_citation.pdbx_database_id_DOI      10.1093/nar/gkn112 
# 
loop_
_citation_author.citation_id 
_citation_author.name 
_citation_author.ordinal 
_citation_author.identifier_ORCID 
primary 'Kondo, J.'   1 ? 
primary 'Westhof, E.' 2 ? 
# 
loop_
_entity.id 
_entity.type 
_entity.src_method 
_entity.pdbx_description 
_entity.formula_weight 
_entity.pdbx_number_of_molecules 
_entity.pdbx_ec 
_entity.pdbx_mutation 
_entity.pdbx_fragment 
_entity.details 
1 polymer     syn 'A site of human mitochondrial ribosome, A chain' 7023.250 1  ? A1555G ? ? 
2 polymer     syn 'A site of human mitochondrial ribosome, B chain' 6718.068 1  ? A1555G ? ? 
3 non-polymer syn 'POTASSIUM ION'                                   39.098   1  ? ?      ? ? 
4 water       nat water                                             18.015   13 ? ?      ? ? 
# 
loop_
_entity_poly.entity_id 
_entity_poly.type 
_entity_poly.nstd_linkage 
_entity_poly.nstd_monomer 
_entity_poly.pdbx_seq_one_letter_code 
_entity_poly.pdbx_seq_one_letter_code_can 
_entity_poly.pdbx_strand_id 
_entity_poly.pdbx_target_identifier 
1 polyribonucleotide no no CGCGUCACCCCGGGCAAGUCGC CGCGUCACCCCGGGCAAGUCGC A ? 
2 polyribonucleotide no no GCGUCACCCCGGGCAAGUCGC  GCGUCACCCCGGGCAAGUCGC  B ? 
# 
loop_
_pdbx_entity_nonpoly.entity_id 
_pdbx_entity_nonpoly.name 
_pdbx_entity_nonpoly.comp_id 
3 'POTASSIUM ION' K   
4 water           HOH 
# 
loop_
_entity_poly_seq.entity_id 
_entity_poly_seq.num 
_entity_poly_seq.mon_id 
_entity_poly_seq.hetero 
1 1  C n 
1 2  G n 
1 3  C n 
1 4  G n 
1 5  U n 
1 6  C n 
1 7  A n 
1 8  C n 
1 9  C n 
1 10 C n 
1 11 C n 
1 12 G n 
1 13 G n 
1 14 G n 
1 15 C n 
1 16 A n 
1 17 A n 
1 18 G n 
1 19 U n 
1 20 C n 
1 21 G n 
1 22 C n 
2 1  G n 
2 2  C n 
2 3  G n 
2 4  U n 
2 5  C n 
2 6  A n 
2 7  C n 
2 8  C n 
2 9  C n 
2 10 C n 
2 11 G n 
2 12 G n 
2 13 G n 
2 14 C n 
2 15 A n 
2 16 A n 
2 17 G n 
2 18 U n 
2 19 C n 
2 20 G n 
2 21 C n 
# 
loop_
_chem_comp.id 
_chem_comp.type 
_chem_comp.mon_nstd_flag 
_chem_comp.name 
_chem_comp.pdbx_synonyms 
_chem_comp.formula 
_chem_comp.formula_weight 
A   'RNA linking' y "ADENOSINE-5'-MONOPHOSPHATE" ? 'C10 H14 N5 O7 P' 347.221 
C   'RNA linking' y "CYTIDINE-5'-MONOPHOSPHATE"  ? 'C9 H14 N3 O8 P'  323.197 
G   'RNA linking' y "GUANOSINE-5'-MONOPHOSPHATE" ? 'C10 H14 N5 O8 P' 363.221 
HOH non-polymer   . WATER                        ? 'H2 O'            18.015  
K   non-polymer   . 'POTASSIUM ION'              ? 'K 1'             39.098  
U   'RNA linking' y "URIDINE-5'-MONOPHOSPHATE"   ? 'C9 H13 N2 O9 P'  324.181 
# 
loop_
_pdbx_poly_seq_scheme.asym_id 
_pdbx_poly_seq_scheme.entity_id 
_pdbx_poly_seq_scheme.seq_id 
_pdbx_poly_seq_scheme.mon_id 
_pdbx_poly_seq_scheme.ndb_seq_num 
_pdbx_poly_seq_scheme.pdb_seq_num 
_pdbx_poly_seq_scheme.auth_seq_num 
_pdbx_poly_seq_scheme.pdb_mon_id 
_pdbx_poly_seq_scheme.auth_mon_id 
_pdbx_poly_seq_scheme.pdb_strand_id 
_pdbx_poly_seq_scheme.pdb_ins_code 
_pdbx_poly_seq_scheme.hetero 
A 1 1  C 1  1  1  C C A . n 
A 1 2  G 2  2  2  G G A . n 
A 1 3  C 3  3  3  C C A . n 
A 1 4  G 4  4  4  G G A . n 
A 1 5  U 5  5  5  U U A . n 
A 1 6  C 6  6  6  C C A . n 
A 1 7  A 7  7  7  A A A . n 
A 1 8  C 8  8  8  C C A . n 
A 1 9  C 9  9  9  C C A . n 
A 1 10 C 10 10 10 C C A . n 
A 1 11 C 11 11 11 C C A . n 
A 1 12 G 12 12 12 G G A . n 
A 1 13 G 13 13 13 G G A . n 
A 1 14 G 14 14 14 G G A . n 
A 1 15 C 15 15 15 C C A . n 
A 1 16 A 16 16 16 A A A . n 
A 1 17 A 17 17 17 A A A . n 
A 1 18 G 18 18 18 G G A . n 
A 1 19 U 19 19 19 U U A . n 
A 1 20 C 20 20 20 C C A . n 
A 1 21 G 21 21 21 G G A . n 
A 1 22 C 22 22 22 C C A . n 
B 2 1  G 1  1  1  G G B . n 
B 2 2  C 2  2  2  C C B . n 
B 2 3  G 3  3  3  G G B . n 
B 2 4  U 4  4  4  U U B . n 
B 2 5  C 5  5  5  C C B . n 
B 2 6  A 6  6  6  A A B . n 
B 2 7  C 7  7  7  C C B . n 
B 2 8  C 8  8  8  C C B . n 
B 2 9  C 9  9  9  C C B . n 
B 2 10 C 10 10 10 C C B . n 
B 2 11 G 11 11 11 G G B . n 
B 2 12 G 12 12 12 G G B . n 
B 2 13 G 13 13 13 G G B . n 
B 2 14 C 14 14 14 C C B . n 
B 2 15 A 15 15 15 A A B . n 
B 2 16 A 16 16 16 A A B . n 
B 2 17 G 17 17 17 G G B . n 
B 2 18 U 18 18 18 U U B . n 
B 2 19 C 19 19 19 C C B . n 
B 2 20 G 20 20 20 G G B . n 
B 2 21 C 21 21 21 C C B . n 
# 
loop_
_pdbx_nonpoly_scheme.asym_id 
_pdbx_nonpoly_scheme.entity_id 
_pdbx_nonpoly_scheme.mon_id 
_pdbx_nonpoly_scheme.ndb_seq_num 
_pdbx_nonpoly_scheme.pdb_seq_num 
_pdbx_nonpoly_scheme.auth_seq_num 
_pdbx_nonpoly_scheme.pdb_mon_id 
_pdbx_nonpoly_scheme.auth_mon_id 
_pdbx_nonpoly_scheme.pdb_strand_id 
_pdbx_nonpoly_scheme.pdb_ins_code 
C 3 K   1 22 1 K   K   B . 
D 4 HOH 1 23 1 HOH HOH A . 
D 4 HOH 2 24 2 HOH HOH A . 
D 4 HOH 3 25 3 HOH HOH A . 
D 4 HOH 4 26 4 HOH HOH A . 
D 4 HOH 5 27 5 HOH HOH A . 
D 4 HOH 6 28 6 HOH HOH A . 
E 4 HOH 1 23 1 HOH HOH B . 
E 4 HOH 2 24 2 HOH HOH B . 
E 4 HOH 3 25 3 HOH HOH B . 
E 4 HOH 4 26 4 HOH HOH B . 
E 4 HOH 5 27 5 HOH HOH B . 
E 4 HOH 6 28 6 HOH HOH B . 
E 4 HOH 7 29 7 HOH HOH B . 
# 
loop_
_software.name 
_software.version 
_software.date 
_software.type 
_software.contact_author 
_software.contact_author_email 
_software.classification 
_software.location 
_software.language 
_software.citation_id 
_software.pdbx_ordinal 
d*TREK      8.0SSI 'Feb 4 2003'         package 'Pflugrath, J.W.' jwp@RigakuMSC.com        'data scaling'    
http://www.msc.com/protein/dtrek.html ?          ? 1 
AMoRE       .      ?                    program 'Jorge Navaza'    ccp4@dl.ac.uk            phasing           
http://www.ccp4.ac.uk/main.html       Fortran_77 ? 2 
CNS         .      ?                    package 'Axel T. Brunger' axel.brunger@yale.edu    refinement        
http://cns.csb.yale.edu/v1.1/         Fortran_77 ? 3 
PDB_EXTRACT 3.004  'September 10, 2007' package PDB               sw-help@rcsb.rutgers.edu 'data extraction' 
http://pdb.rutgers.edu/software/      C++        ? 4 
# 
_cell.length_a           66.350 
_cell.length_b           66.350 
_cell.length_c           57.350 
_cell.angle_alpha        90.000 
_cell.angle_beta         90.000 
_cell.angle_gamma        120.000 
_cell.entry_id           3BNP 
_cell.Z_PDB              6 
_cell.pdbx_unique_axis   ? 
_cell.length_a_esd       ? 
_cell.length_b_esd       ? 
_cell.length_c_esd       ? 
_cell.angle_alpha_esd    ? 
_cell.angle_beta_esd     ? 
_cell.angle_gamma_esd    ? 
# 
_symmetry.space_group_name_H-M             'P 31 2 1' 
_symmetry.entry_id                         3BNP 
_symmetry.Int_Tables_number                152 
_symmetry.pdbx_full_space_group_name_H-M   ? 
_symmetry.cell_setting                     ? 
_symmetry.space_group_name_Hall            ? 
# 
_exptl.crystals_number   1 
_exptl.entry_id          3BNP 
_exptl.method            'X-RAY DIFFRACTION' 
# 
_exptl_crystal.id                    1 
_exptl_crystal.density_meas          ? 
_exptl_crystal.density_Matthews      2.65 
_exptl_crystal.density_percent_sol   53.62 
_exptl_crystal.description           ? 
_exptl_crystal.F_000                 ? 
_exptl_crystal.preparation           ? 
# 
_exptl_crystal_grow.crystal_id      1 
_exptl_crystal_grow.method          'VAPOR DIFFUSION, HANGING DROP' 
_exptl_crystal_grow.pH              7.0 
_exptl_crystal_grow.temp            293 
_exptl_crystal_grow.pdbx_details    
'Sodium cacodylate, KCl, glycerol, paromomycin, 2-methyl-2,4-pentanediol, pH 7.0, VAPOR DIFFUSION, HANGING DROP, temperature 293K' 
_exptl_crystal_grow.temp_details    ? 
_exptl_crystal_grow.pdbx_pH_range   . 
# 
loop_
_exptl_crystal_grow_comp.crystal_id 
_exptl_crystal_grow_comp.id 
_exptl_crystal_grow_comp.sol_id 
_exptl_crystal_grow_comp.name 
_exptl_crystal_grow_comp.conc 
_exptl_crystal_grow_comp.volume 
_exptl_crystal_grow_comp.details 
1 1 1 MPD                 ? ? ? 
1 2 1 KCl                 ? ? ? 
1 3 1 'Sodium cacodylate' ? ? ? 
1 4 2 MPD                 ? ? ? 
1 5 2 KCl                 ? ? ? 
# 
_diffrn.id                     1 
_diffrn.ambient_temp           100 
_diffrn.ambient_temp_details   ? 
_diffrn.crystal_id             1 
# 
_diffrn_detector.diffrn_id              1 
_diffrn_detector.detector               CCD 
_diffrn_detector.type                   'MAR CCD 165 mm' 
_diffrn_detector.pdbx_collection_date   2004-03-17 
_diffrn_detector.details                ? 
# 
_diffrn_radiation.diffrn_id                        1 
_diffrn_radiation.pdbx_diffrn_protocol             'SINGLE WAVELENGTH' 
_diffrn_radiation.monochromator                    ? 
_diffrn_radiation.wavelength_id                    1 
_diffrn_radiation.pdbx_monochromatic_or_laue_m_l   M 
_diffrn_radiation.pdbx_scattering_type             x-ray 
# 
_diffrn_radiation_wavelength.id           1 
_diffrn_radiation_wavelength.wavelength   0.9801 
_diffrn_radiation_wavelength.wt           1.0 
# 
_diffrn_source.diffrn_id                   1 
_diffrn_source.source                      SYNCHROTRON 
_diffrn_source.type                        'SLS BEAMLINE X10SA' 
_diffrn_source.pdbx_wavelength_list        0.9801 
_diffrn_source.pdbx_wavelength             ? 
_diffrn_source.pdbx_synchrotron_site       SLS 
_diffrn_source.pdbx_synchrotron_beamline   X10SA 
# 
_reflns.entry_id                     3BNP 
_reflns.d_resolution_high            2.700 
_reflns.d_resolution_low             40.590 
_reflns.number_obs                   4215 
_reflns.pdbx_scaling_rejects         317 
_reflns.pdbx_Rmerge_I_obs            0.065 
_reflns.pdbx_netI_over_sigmaI        22.000 
_reflns.pdbx_chi_squared             0.990 
_reflns.pdbx_redundancy              9.940 
_reflns.percent_possible_obs         99.500 
_reflns.observed_criterion_sigma_F   ? 
_reflns.observed_criterion_sigma_I   ? 
_reflns.number_all                   ? 
_reflns.pdbx_Rsym_value              ? 
_reflns.B_iso_Wilson_estimate        ? 
_reflns.R_free_details               ? 
_reflns.pdbx_diffrn_id               1 
_reflns.pdbx_ordinal                 1 
# 
loop_
_reflns_shell.d_res_high 
_reflns_shell.d_res_low 
_reflns_shell.number_measured_obs 
_reflns_shell.number_measured_all 
_reflns_shell.number_unique_obs 
_reflns_shell.Rmerge_I_obs 
_reflns_shell.meanI_over_sigI_obs 
_reflns_shell.pdbx_Rsym_value 
_reflns_shell.pdbx_chi_squared 
_reflns_shell.pdbx_redundancy 
_reflns_shell.percent_possible_obs 
_reflns_shell.number_unique_all 
_reflns_shell.percent_possible_all 
_reflns_shell.pdbx_diffrn_id 
_reflns_shell.pdbx_ordinal 
2.70 2.80  ? 4343 ? 0.362 3.9  ? 0.510 10.24 ? 424 100.00 ? 1  
2.80 2.91  ? 4148 ? 0.228 5.9  ? 0.540 10.29 ? 403 100.00 ? 2  
2.91 3.04  ? 4349 ? 0.145 8.7  ? 0.610 10.23 ? 425 100.00 ? 3  
3.04 3.20  ? 4261 ? 0.096 13.6 ? 0.780 10.21 ? 415 100.00 ? 4  
3.20 3.40  ? 4175 ? 0.080 18.0 ? 0.930 10.07 ? 412 100.00 ? 5  
3.40 3.66  ? 4275 ? 0.087 20.0 ? 1.030 10.12 ? 416 100.00 ? 6  
3.66 4.03  ? 4292 ? 0.077 25.9 ? 1.220 9.92  ? 425 100.00 ? 7  
4.03 4.62  ? 4312 ? 0.068 34.1 ? 1.450 9.92  ? 431 100.00 ? 8  
4.62 5.81  ? 4224 ? 0.049 44.7 ? 1.400 9.65  ? 433 100.00 ? 9  
5.81 40.59 ? 3856 ? 0.046 48.1 ? 1.520 8.85  ? 431 94.10  ? 10 
# 
_refine.entry_id                                 3BNP 
_refine.ls_d_res_high                            2.700 
_refine.ls_d_res_low                             40.590 
_refine.pdbx_ls_sigma_F                          0.00 
_refine.ls_percent_reflns_obs                    99.300 
_refine.ls_number_reflns_obs                     4204 
_refine.ls_R_factor_R_work                       0.231 
_refine.ls_R_factor_R_free                       0.270 
_refine.ls_percent_reflns_R_free                 10.200 
_refine.ls_number_reflns_R_free                  433 
_refine.B_iso_mean                               77.503 
_refine.solvent_model_param_bsol                 68.858 
_refine.aniso_B[1][1]                            -8.620 
_refine.aniso_B[2][2]                            -8.620 
_refine.aniso_B[3][3]                            17.241 
_refine.aniso_B[1][2]                            -13.852 
_refine.aniso_B[1][3]                            0.000 
_refine.aniso_B[2][3]                            0.000 
_refine.pdbx_method_to_determine_struct          'MOLECULAR REPLACEMENT' 
_refine.overall_FOM_work_R_set                   0.775 
_refine.pdbx_ls_sigma_I                          ? 
_refine.ls_number_reflns_all                     ? 
_refine.ls_R_factor_all                          ? 
_refine.ls_R_factor_obs                          ? 
_refine.ls_redundancy_reflns_obs                 ? 
_refine.pdbx_data_cutoff_high_absF               ? 
_refine.pdbx_data_cutoff_low_absF                ? 
_refine.ls_number_parameters                     ? 
_refine.ls_number_restraints                     ? 
_refine.ls_R_factor_R_free_error                 ? 
_refine.ls_R_factor_R_free_error_details         ? 
_refine.pdbx_starting_model                      ? 
_refine.pdbx_ls_cross_valid_method               ? 
_refine.pdbx_R_Free_selection_details            ? 
_refine.pdbx_stereochem_target_val_spec_case     ? 
_refine.pdbx_stereochemistry_target_values       ? 
_refine.solvent_model_details                    ? 
_refine.solvent_model_param_ksol                 ? 
_refine.occupancy_max                            ? 
_refine.occupancy_min                            ? 
_refine.pdbx_isotropic_thermal_model             ? 
_refine.details                                  ? 
_refine.overall_SU_ML                            ? 
_refine.overall_SU_B                             ? 
_refine.pdbx_overall_ESU_R                       ? 
_refine.pdbx_overall_ESU_R_Free                  ? 
_refine.pdbx_data_cutoff_high_rms_absF           ? 
_refine.pdbx_overall_phase_error                 ? 
_refine.correlation_coeff_Fo_to_Fc               ? 
_refine.correlation_coeff_Fo_to_Fc_free          ? 
_refine.pdbx_solvent_vdw_probe_radii             ? 
_refine.pdbx_solvent_ion_probe_radii             ? 
_refine.pdbx_solvent_shrinkage_radii             ? 
_refine.overall_SU_R_Cruickshank_DPI             ? 
_refine.overall_SU_R_free                        ? 
_refine.ls_wR_factor_R_free                      ? 
_refine.ls_wR_factor_R_work                      ? 
_refine.overall_FOM_free_R_set                   ? 
_refine.pdbx_refine_id                           'X-RAY DIFFRACTION' 
_refine.pdbx_diffrn_id                           1 
_refine.pdbx_TLS_residual_ADP_flag               ? 
_refine.pdbx_overall_SU_R_free_Cruickshank_DPI   ? 
_refine.pdbx_overall_SU_R_Blow_DPI               ? 
_refine.pdbx_overall_SU_R_free_Blow_DPI          ? 
# 
_refine_hist.pdbx_refine_id                   'X-RAY DIFFRACTION' 
_refine_hist.cycle_id                         LAST 
_refine_hist.pdbx_number_atoms_protein        0 
_refine_hist.pdbx_number_atoms_nucleic_acid   908 
_refine_hist.pdbx_number_atoms_ligand         1 
_refine_hist.number_atoms_solvent             13 
_refine_hist.number_atoms_total               922 
_refine_hist.d_res_high                       2.700 
_refine_hist.d_res_low                        40.590 
# 
loop_
_refine_ls_restr.type 
_refine_ls_restr.number 
_refine_ls_restr.dev_ideal 
_refine_ls_restr.dev_ideal_target 
_refine_ls_restr.weight 
_refine_ls_restr.pdbx_refine_id 
_refine_ls_restr.pdbx_restraint_function 
c_bond_d    ? 0.005 1.500 ? 'X-RAY DIFFRACTION' ? 
c_angle_deg ? 1.0   2.000 ? 'X-RAY DIFFRACTION' ? 
# 
loop_
_pdbx_xplor_file.serial_no 
_pdbx_xplor_file.param_file 
_pdbx_xplor_file.topol_file 
_pdbx_xplor_file.pdbx_refine_id 
1 rna_free.param             ? 'X-RAY DIFFRACTION' 
2 CNS_TOPPAR:ion.param       ? 'X-RAY DIFFRACTION' 
3 CNS_TOPPAR:water_rep.param ? 'X-RAY DIFFRACTION' 
# 
_struct.entry_id                  3BNP 
_struct.title                     'Crystal Structure of the Homo sapiens Mitochondrial Ribosomal Decoding Site (A1555G Mutant)' 
_struct.pdbx_model_details        ? 
_struct.pdbx_CASP_flag            N 
_struct.pdbx_model_type_details   ? 
# 
_struct_keywords.entry_id        3BNP 
_struct_keywords.text            'ribosome, decoding site, RNA' 
_struct_keywords.pdbx_keywords   RNA 
# 
loop_
_struct_asym.id 
_struct_asym.pdbx_blank_PDB_chainid_flag 
_struct_asym.pdbx_modified 
_struct_asym.entity_id 
_struct_asym.details 
A N N 1 ? 
B N N 2 ? 
C N N 3 ? 
D N N 4 ? 
E N N 4 ? 
# 
loop_
_struct_ref.id 
_struct_ref.db_name 
_struct_ref.db_code 
_struct_ref.pdbx_db_accession 
_struct_ref.entity_id 
_struct_ref.pdbx_align_begin 
_struct_ref.pdbx_seq_one_letter_code 
_struct_ref.pdbx_db_isoform 
1 PDB 3BNP 3BNP 1 ? ? ? 
2 PDB 3BNP 3BNP 2 ? ? ? 
# 
loop_
_struct_ref_seq.align_id 
_struct_ref_seq.ref_id 
_struct_ref_seq.pdbx_PDB_id_code 
_struct_ref_seq.pdbx_strand_id 
_struct_ref_seq.seq_align_beg 
_struct_ref_seq.pdbx_seq_align_beg_ins_code 
_struct_ref_seq.seq_align_end 
_struct_ref_seq.pdbx_seq_align_end_ins_code 
_struct_ref_seq.pdbx_db_accession 
_struct_ref_seq.db_align_beg 
_struct_ref_seq.pdbx_db_align_beg_ins_code 
_struct_ref_seq.db_align_end 
_struct_ref_seq.pdbx_db_align_end_ins_code 
_struct_ref_seq.pdbx_auth_seq_align_beg 
_struct_ref_seq.pdbx_auth_seq_align_end 
1 1 3BNP A 1 ? 22 ? 3BNP 1 ? 22 ? 1 22 
2 2 3BNP B 1 ? 21 ? 3BNP 1 ? 21 ? 1 21 
# 
_pdbx_struct_assembly.id                   1 
_pdbx_struct_assembly.details              author_and_software_defined_assembly 
_pdbx_struct_assembly.method_details       PISA 
_pdbx_struct_assembly.oligomeric_details   dimeric 
_pdbx_struct_assembly.oligomeric_count     2 
# 
_pdbx_struct_assembly_gen.assembly_id       1 
_pdbx_struct_assembly_gen.oper_expression   1 
_pdbx_struct_assembly_gen.asym_id_list      A,B,C,D,E 
# 
_pdbx_struct_oper_list.id                   1 
_pdbx_struct_oper_list.type                 'identity operation' 
_pdbx_struct_oper_list.name                 1_555 
_pdbx_struct_oper_list.symmetry_operation   x,y,z 
_pdbx_struct_oper_list.matrix[1][1]         1.0000000000 
_pdbx_struct_oper_list.matrix[1][2]         0.0000000000 
_pdbx_struct_oper_list.matrix[1][3]         0.0000000000 
_pdbx_struct_oper_list.vector[1]            0.0000000000 
_pdbx_struct_oper_list.matrix[2][1]         0.0000000000 
_pdbx_struct_oper_list.matrix[2][2]         1.0000000000 
_pdbx_struct_oper_list.matrix[2][3]         0.0000000000 
_pdbx_struct_oper_list.vector[2]            0.0000000000 
_pdbx_struct_oper_list.matrix[3][1]         0.0000000000 
_pdbx_struct_oper_list.matrix[3][2]         0.0000000000 
_pdbx_struct_oper_list.matrix[3][3]         1.0000000000 
_pdbx_struct_oper_list.vector[3]            0.0000000000 
# 
_struct_biol.id        1 
_struct_biol.details   ? 
# 
loop_
_struct_conn.id 
_struct_conn.conn_type_id 
_struct_conn.pdbx_leaving_atom_flag 
_struct_conn.pdbx_PDB_id 
_struct_conn.ptnr1_label_asym_id 
_struct_conn.ptnr1_label_comp_id 
_struct_conn.ptnr1_label_seq_id 
_struct_conn.ptnr1_label_atom_id 
_struct_conn.pdbx_ptnr1_label_alt_id 
_struct_conn.pdbx_ptnr1_PDB_ins_code 
_struct_conn.pdbx_ptnr1_standard_comp_id 
_struct_conn.ptnr1_symmetry 
_struct_conn.ptnr2_label_asym_id 
_struct_conn.ptnr2_label_comp_id 
_struct_conn.ptnr2_label_seq_id 
_struct_conn.ptnr2_label_atom_id 
_struct_conn.pdbx_ptnr2_label_alt_id 
_struct_conn.pdbx_ptnr2_PDB_ins_code 
_struct_conn.ptnr1_auth_asym_id 
_struct_conn.ptnr1_auth_comp_id 
_struct_conn.ptnr1_auth_seq_id 
_struct_conn.ptnr2_auth_asym_id 
_struct_conn.ptnr2_auth_comp_id 
_struct_conn.ptnr2_auth_seq_id 
_struct_conn.ptnr2_symmetry 
_struct_conn.pdbx_ptnr3_label_atom_id 
_struct_conn.pdbx_ptnr3_label_seq_id 
_struct_conn.pdbx_ptnr3_label_comp_id 
_struct_conn.pdbx_ptnr3_label_asym_id 
_struct_conn.pdbx_ptnr3_label_alt_id 
_struct_conn.pdbx_ptnr3_PDB_ins_code 
_struct_conn.details 
_struct_conn.pdbx_dist_value 
_struct_conn.pdbx_value_order 
_struct_conn.pdbx_role 
metalc1  metalc ? ? B A 16 OP2 ? ? ? 1_555 C K .  K  ? ? B A 16 B K 22 1_555 ? ? ? ? ? ? ?             2.439 ? ? 
hydrog1  hydrog ? ? A G 2  N1  ? ? ? 1_555 B C 21 N3 ? ? A G 2  B C 21 1_555 ? ? ? ? ? ? WATSON-CRICK  ?     ? ? 
hydrog2  hydrog ? ? A G 2  N2  ? ? ? 1_555 B C 21 O2 ? ? A G 2  B C 21 1_555 ? ? ? ? ? ? WATSON-CRICK  ?     ? ? 
hydrog3  hydrog ? ? A G 2  O6  ? ? ? 1_555 B C 21 N4 ? ? A G 2  B C 21 1_555 ? ? ? ? ? ? WATSON-CRICK  ?     ? ? 
hydrog4  hydrog ? ? A C 3  N3  ? ? ? 1_555 B G 20 N1 ? ? A C 3  B G 20 1_555 ? ? ? ? ? ? WATSON-CRICK  ?     ? ? 
hydrog5  hydrog ? ? A C 3  N4  ? ? ? 1_555 B G 20 O6 ? ? A C 3  B G 20 1_555 ? ? ? ? ? ? WATSON-CRICK  ?     ? ? 
hydrog6  hydrog ? ? A C 3  O2  ? ? ? 1_555 B G 20 N2 ? ? A C 3  B G 20 1_555 ? ? ? ? ? ? WATSON-CRICK  ?     ? ? 
hydrog7  hydrog ? ? A G 4  N1  ? ? ? 1_555 B C 19 N3 ? ? A G 4  B C 19 1_555 ? ? ? ? ? ? WATSON-CRICK  ?     ? ? 
hydrog8  hydrog ? ? A G 4  N2  ? ? ? 1_555 B C 19 O2 ? ? A G 4  B C 19 1_555 ? ? ? ? ? ? WATSON-CRICK  ?     ? ? 
hydrog9  hydrog ? ? A G 4  O6  ? ? ? 1_555 B C 19 N4 ? ? A G 4  B C 19 1_555 ? ? ? ? ? ? WATSON-CRICK  ?     ? ? 
hydrog10 hydrog ? ? A U 5  N3  ? ? ? 1_555 B U 18 O4 ? ? A U 5  B U 18 1_555 ? ? ? ? ? ? TYPE_16_PAIR  ?     ? ? 
hydrog11 hydrog ? ? A U 5  O2  ? ? ? 1_555 B U 18 N3 ? ? A U 5  B U 18 1_555 ? ? ? ? ? ? TYPE_16_PAIR  ?     ? ? 
hydrog12 hydrog ? ? A C 6  N3  ? ? ? 1_555 B G 17 N1 ? ? A C 6  B G 17 1_555 ? ? ? ? ? ? WATSON-CRICK  ?     ? ? 
hydrog13 hydrog ? ? A C 6  N4  ? ? ? 1_555 B G 17 O6 ? ? A C 6  B G 17 1_555 ? ? ? ? ? ? WATSON-CRICK  ?     ? ? 
hydrog14 hydrog ? ? A C 6  O2  ? ? ? 1_555 B G 17 N2 ? ? A C 6  B G 17 1_555 ? ? ? ? ? ? WATSON-CRICK  ?     ? ? 
hydrog15 hydrog ? ? A C 9  N3  ? ? ? 1_555 B G 13 N1 ? ? A C 9  B G 13 1_555 ? ? ? ? ? ? WATSON-CRICK  ?     ? ? 
hydrog16 hydrog ? ? A C 9  N4  ? ? ? 1_555 B G 13 O6 ? ? A C 9  B G 13 1_555 ? ? ? ? ? ? WATSON-CRICK  ?     ? ? 
hydrog17 hydrog ? ? A C 9  O2  ? ? ? 1_555 B G 13 N2 ? ? A C 9  B G 13 1_555 ? ? ? ? ? ? WATSON-CRICK  ?     ? ? 
hydrog18 hydrog ? ? A C 10 N3  ? ? ? 1_555 B G 12 N1 ? ? A C 10 B G 12 1_555 ? ? ? ? ? ? WATSON-CRICK  ?     ? ? 
hydrog19 hydrog ? ? A C 10 N4  ? ? ? 1_555 B G 12 O6 ? ? A C 10 B G 12 1_555 ? ? ? ? ? ? WATSON-CRICK  ?     ? ? 
hydrog20 hydrog ? ? A C 10 O2  ? ? ? 1_555 B G 12 N2 ? ? A C 10 B G 12 1_555 ? ? ? ? ? ? WATSON-CRICK  ?     ? ? 
hydrog21 hydrog ? ? A C 11 N3  ? ? ? 1_555 B G 11 N1 ? ? A C 11 B G 11 1_555 ? ? ? ? ? ? WATSON-CRICK  ?     ? ? 
hydrog22 hydrog ? ? A C 11 N4  ? ? ? 1_555 B G 11 O6 ? ? A C 11 B G 11 1_555 ? ? ? ? ? ? WATSON-CRICK  ?     ? ? 
hydrog23 hydrog ? ? A C 11 O2  ? ? ? 1_555 B G 11 N2 ? ? A C 11 B G 11 1_555 ? ? ? ? ? ? WATSON-CRICK  ?     ? ? 
hydrog24 hydrog ? ? A G 12 N1  ? ? ? 1_555 B C 10 N3 ? ? A G 12 B C 10 1_555 ? ? ? ? ? ? WATSON-CRICK  ?     ? ? 
hydrog25 hydrog ? ? A G 12 N2  ? ? ? 1_555 B C 10 O2 ? ? A G 12 B C 10 1_555 ? ? ? ? ? ? WATSON-CRICK  ?     ? ? 
hydrog26 hydrog ? ? A G 12 O6  ? ? ? 1_555 B C 10 N4 ? ? A G 12 B C 10 1_555 ? ? ? ? ? ? WATSON-CRICK  ?     ? ? 
hydrog27 hydrog ? ? A G 13 N1  ? ? ? 1_555 B C 9  N3 ? ? A G 13 B C 9  1_555 ? ? ? ? ? ? WATSON-CRICK  ?     ? ? 
hydrog28 hydrog ? ? A G 13 N2  ? ? ? 1_555 B C 9  O2 ? ? A G 13 B C 9  1_555 ? ? ? ? ? ? WATSON-CRICK  ?     ? ? 
hydrog29 hydrog ? ? A G 13 O6  ? ? ? 1_555 B C 9  N4 ? ? A G 13 B C 9  1_555 ? ? ? ? ? ? WATSON-CRICK  ?     ? ? 
hydrog30 hydrog ? ? A G 14 N1  ? ? ? 1_555 B C 8  N3 ? ? A G 14 B C 8  1_555 ? ? ? ? ? ? WATSON-CRICK  ?     ? ? 
hydrog31 hydrog ? ? A G 14 N2  ? ? ? 1_555 B C 8  O2 ? ? A G 14 B C 8  1_555 ? ? ? ? ? ? WATSON-CRICK  ?     ? ? 
hydrog32 hydrog ? ? A G 14 O6  ? ? ? 1_555 B C 8  N4 ? ? A G 14 B C 8  1_555 ? ? ? ? ? ? WATSON-CRICK  ?     ? ? 
hydrog33 hydrog ? ? A C 15 O2  ? ? ? 1_555 B C 7  N4 ? ? A C 15 B C 7  1_555 ? ? ? ? ? ? 'C-C MISPAIR' ?     ? ? 
hydrog34 hydrog ? ? A G 18 N1  ? ? ? 1_555 B C 5  N3 ? ? A G 18 B C 5  1_555 ? ? ? ? ? ? WATSON-CRICK  ?     ? ? 
hydrog35 hydrog ? ? A G 18 N2  ? ? ? 1_555 B C 5  O2 ? ? A G 18 B C 5  1_555 ? ? ? ? ? ? WATSON-CRICK  ?     ? ? 
hydrog36 hydrog ? ? A G 18 O6  ? ? ? 1_555 B C 5  N4 ? ? A G 18 B C 5  1_555 ? ? ? ? ? ? WATSON-CRICK  ?     ? ? 
hydrog37 hydrog ? ? A U 19 N3  ? ? ? 1_555 B U 4  O2 ? ? A U 19 B U 4  1_555 ? ? ? ? ? ? TYPE_16_PAIR  ?     ? ? 
hydrog38 hydrog ? ? A U 19 O4  ? ? ? 1_555 B U 4  N3 ? ? A U 19 B U 4  1_555 ? ? ? ? ? ? TYPE_16_PAIR  ?     ? ? 
hydrog39 hydrog ? ? A C 20 N3  ? ? ? 1_555 B G 3  N1 ? ? A C 20 B G 3  1_555 ? ? ? ? ? ? WATSON-CRICK  ?     ? ? 
hydrog40 hydrog ? ? A C 20 N4  ? ? ? 1_555 B G 3  O6 ? ? A C 20 B G 3  1_555 ? ? ? ? ? ? WATSON-CRICK  ?     ? ? 
hydrog41 hydrog ? ? A C 20 O2  ? ? ? 1_555 B G 3  N2 ? ? A C 20 B G 3  1_555 ? ? ? ? ? ? WATSON-CRICK  ?     ? ? 
hydrog42 hydrog ? ? A G 21 N1  ? ? ? 1_555 B C 2  N3 ? ? A G 21 B C 2  1_555 ? ? ? ? ? ? WATSON-CRICK  ?     ? ? 
hydrog43 hydrog ? ? A G 21 N2  ? ? ? 1_555 B C 2  O2 ? ? A G 21 B C 2  1_555 ? ? ? ? ? ? WATSON-CRICK  ?     ? ? 
hydrog44 hydrog ? ? A G 21 O6  ? ? ? 1_555 B C 2  N4 ? ? A G 21 B C 2  1_555 ? ? ? ? ? ? WATSON-CRICK  ?     ? ? 
hydrog45 hydrog ? ? A C 22 N3  ? ? ? 1_555 B G 1  N1 ? ? A C 22 B G 1  1_555 ? ? ? ? ? ? WATSON-CRICK  ?     ? ? 
hydrog46 hydrog ? ? A C 22 N4  ? ? ? 1_555 B G 1  O6 ? ? A C 22 B G 1  1_555 ? ? ? ? ? ? WATSON-CRICK  ?     ? ? 
hydrog47 hydrog ? ? A C 22 O2  ? ? ? 1_555 B G 1  N2 ? ? A C 22 B G 1  1_555 ? ? ? ? ? ? WATSON-CRICK  ?     ? ? 
# 
loop_
_struct_conn_type.id 
_struct_conn_type.criteria 
_struct_conn_type.reference 
metalc ? ? 
hydrog ? ? 
# 
_pdbx_struct_special_symmetry.id              1 
_pdbx_struct_special_symmetry.PDB_model_num   1 
_pdbx_struct_special_symmetry.auth_asym_id    B 
_pdbx_struct_special_symmetry.auth_comp_id    HOH 
_pdbx_struct_special_symmetry.auth_seq_id     27 
_pdbx_struct_special_symmetry.PDB_ins_code    ? 
_pdbx_struct_special_symmetry.label_asym_id   E 
_pdbx_struct_special_symmetry.label_comp_id   HOH 
_pdbx_struct_special_symmetry.label_seq_id    . 
# 
_phasing.method   MR 
# 
loop_
_chem_comp_atom.comp_id 
_chem_comp_atom.atom_id 
_chem_comp_atom.type_symbol 
_chem_comp_atom.pdbx_aromatic_flag 
_chem_comp_atom.pdbx_stereo_config 
_chem_comp_atom.pdbx_ordinal 
A   OP3    O N N 1   
A   P      P N N 2   
A   OP1    O N N 3   
A   OP2    O N N 4   
A   "O5'"  O N N 5   
A   "C5'"  C N N 6   
A   "C4'"  C N R 7   
A   "O4'"  O N N 8   
A   "C3'"  C N S 9   
A   "O3'"  O N N 10  
A   "C2'"  C N R 11  
A   "O2'"  O N N 12  
A   "C1'"  C N R 13  
A   N9     N Y N 14  
A   C8     C Y N 15  
A   N7     N Y N 16  
A   C5     C Y N 17  
A   C6     C Y N 18  
A   N6     N N N 19  
A   N1     N Y N 20  
A   C2     C Y N 21  
A   N3     N Y N 22  
A   C4     C Y N 23  
A   HOP3   H N N 24  
A   HOP2   H N N 25  
A   "H5'"  H N N 26  
A   "H5''" H N N 27  
A   "H4'"  H N N 28  
A   "H3'"  H N N 29  
A   "HO3'" H N N 30  
A   "H2'"  H N N 31  
A   "HO2'" H N N 32  
A   "H1'"  H N N 33  
A   H8     H N N 34  
A   H61    H N N 35  
A   H62    H N N 36  
A   H2     H N N 37  
C   OP3    O N N 38  
C   P      P N N 39  
C   OP1    O N N 40  
C   OP2    O N N 41  
C   "O5'"  O N N 42  
C   "C5'"  C N N 43  
C   "C4'"  C N R 44  
C   "O4'"  O N N 45  
C   "C3'"  C N S 46  
C   "O3'"  O N N 47  
C   "C2'"  C N R 48  
C   "O2'"  O N N 49  
C   "C1'"  C N R 50  
C   N1     N N N 51  
C   C2     C N N 52  
C   O2     O N N 53  
C   N3     N N N 54  
C   C4     C N N 55  
C   N4     N N N 56  
C   C5     C N N 57  
C   C6     C N N 58  
C   HOP3   H N N 59  
C   HOP2   H N N 60  
C   "H5'"  H N N 61  
C   "H5''" H N N 62  
C   "H4'"  H N N 63  
C   "H3'"  H N N 64  
C   "HO3'" H N N 65  
C   "H2'"  H N N 66  
C   "HO2'" H N N 67  
C   "H1'"  H N N 68  
C   H41    H N N 69  
C   H42    H N N 70  
C   H5     H N N 71  
C   H6     H N N 72  
G   OP3    O N N 73  
G   P      P N N 74  
G   OP1    O N N 75  
G   OP2    O N N 76  
G   "O5'"  O N N 77  
G   "C5'"  C N N 78  
G   "C4'"  C N R 79  
G   "O4'"  O N N 80  
G   "C3'"  C N S 81  
G   "O3'"  O N N 82  
G   "C2'"  C N R 83  
G   "O2'"  O N N 84  
G   "C1'"  C N R 85  
G   N9     N Y N 86  
G   C8     C Y N 87  
G   N7     N Y N 88  
G   C5     C Y N 89  
G   C6     C N N 90  
G   O6     O N N 91  
G   N1     N N N 92  
G   C2     C N N 93  
G   N2     N N N 94  
G   N3     N N N 95  
G   C4     C Y N 96  
G   HOP3   H N N 97  
G   HOP2   H N N 98  
G   "H5'"  H N N 99  
G   "H5''" H N N 100 
G   "H4'"  H N N 101 
G   "H3'"  H N N 102 
G   "HO3'" H N N 103 
G   "H2'"  H N N 104 
G   "HO2'" H N N 105 
G   "H1'"  H N N 106 
G   H8     H N N 107 
G   H1     H N N 108 
G   H21    H N N 109 
G   H22    H N N 110 
HOH O      O N N 111 
HOH H1     H N N 112 
HOH H2     H N N 113 
K   K      K N N 114 
U   OP3    O N N 115 
U   P      P N N 116 
U   OP1    O N N 117 
U   OP2    O N N 118 
U   "O5'"  O N N 119 
U   "C5'"  C N N 120 
U   "C4'"  C N R 121 
U   "O4'"  O N N 122 
U   "C3'"  C N S 123 
U   "O3'"  O N N 124 
U   "C2'"  C N R 125 
U   "O2'"  O N N 126 
U   "C1'"  C N R 127 
U   N1     N N N 128 
U   C2     C N N 129 
U   O2     O N N 130 
U   N3     N N N 131 
U   C4     C N N 132 
U   O4     O N N 133 
U   C5     C N N 134 
U   C6     C N N 135 
U   HOP3   H N N 136 
U   HOP2   H N N 137 
U   "H5'"  H N N 138 
U   "H5''" H N N 139 
U   "H4'"  H N N 140 
U   "H3'"  H N N 141 
U   "HO3'" H N N 142 
U   "H2'"  H N N 143 
U   "HO2'" H N N 144 
U   "H1'"  H N N 145 
U   H3     H N N 146 
U   H5     H N N 147 
U   H6     H N N 148 
# 
loop_
_chem_comp_bond.comp_id 
_chem_comp_bond.atom_id_1 
_chem_comp_bond.atom_id_2 
_chem_comp_bond.value_order 
_chem_comp_bond.pdbx_aromatic_flag 
_chem_comp_bond.pdbx_stereo_config 
_chem_comp_bond.pdbx_ordinal 
A   OP3   P      sing N N 1   
A   OP3   HOP3   sing N N 2   
A   P     OP1    doub N N 3   
A   P     OP2    sing N N 4   
A   P     "O5'"  sing N N 5   
A   OP2   HOP2   sing N N 6   
A   "O5'" "C5'"  sing N N 7   
A   "C5'" "C4'"  sing N N 8   
A   "C5'" "H5'"  sing N N 9   
A   "C5'" "H5''" sing N N 10  
A   "C4'" "O4'"  sing N N 11  
A   "C4'" "C3'"  sing N N 12  
A   "C4'" "H4'"  sing N N 13  
A   "O4'" "C1'"  sing N N 14  
A   "C3'" "O3'"  sing N N 15  
A   "C3'" "C2'"  sing N N 16  
A   "C3'" "H3'"  sing N N 17  
A   "O3'" "HO3'" sing N N 18  
A   "C2'" "O2'"  sing N N 19  
A   "C2'" "C1'"  sing N N 20  
A   "C2'" "H2'"  sing N N 21  
A   "O2'" "HO2'" sing N N 22  
A   "C1'" N9     sing N N 23  
A   "C1'" "H1'"  sing N N 24  
A   N9    C8     sing Y N 25  
A   N9    C4     sing Y N 26  
A   C8    N7     doub Y N 27  
A   C8    H8     sing N N 28  
A   N7    C5     sing Y N 29  
A   C5    C6     sing Y N 30  
A   C5    C4     doub Y N 31  
A   C6    N6     sing N N 32  
A   C6    N1     doub Y N 33  
A   N6    H61    sing N N 34  
A   N6    H62    sing N N 35  
A   N1    C2     sing Y N 36  
A   C2    N3     doub Y N 37  
A   C2    H2     sing N N 38  
A   N3    C4     sing Y N 39  
C   OP3   P      sing N N 40  
C   OP3   HOP3   sing N N 41  
C   P     OP1    doub N N 42  
C   P     OP2    sing N N 43  
C   P     "O5'"  sing N N 44  
C   OP2   HOP2   sing N N 45  
C   "O5'" "C5'"  sing N N 46  
C   "C5'" "C4'"  sing N N 47  
C   "C5'" "H5'"  sing N N 48  
C   "C5'" "H5''" sing N N 49  
C   "C4'" "O4'"  sing N N 50  
C   "C4'" "C3'"  sing N N 51  
C   "C4'" "H4'"  sing N N 52  
C   "O4'" "C1'"  sing N N 53  
C   "C3'" "O3'"  sing N N 54  
C   "C3'" "C2'"  sing N N 55  
C   "C3'" "H3'"  sing N N 56  
C   "O3'" "HO3'" sing N N 57  
C   "C2'" "O2'"  sing N N 58  
C   "C2'" "C1'"  sing N N 59  
C   "C2'" "H2'"  sing N N 60  
C   "O2'" "HO2'" sing N N 61  
C   "C1'" N1     sing N N 62  
C   "C1'" "H1'"  sing N N 63  
C   N1    C2     sing N N 64  
C   N1    C6     sing N N 65  
C   C2    O2     doub N N 66  
C   C2    N3     sing N N 67  
C   N3    C4     doub N N 68  
C   C4    N4     sing N N 69  
C   C4    C5     sing N N 70  
C   N4    H41    sing N N 71  
C   N4    H42    sing N N 72  
C   C5    C6     doub N N 73  
C   C5    H5     sing N N 74  
C   C6    H6     sing N N 75  
G   OP3   P      sing N N 76  
G   OP3   HOP3   sing N N 77  
G   P     OP1    doub N N 78  
G   P     OP2    sing N N 79  
G   P     "O5'"  sing N N 80  
G   OP2   HOP2   sing N N 81  
G   "O5'" "C5'"  sing N N 82  
G   "C5'" "C4'"  sing N N 83  
G   "C5'" "H5'"  sing N N 84  
G   "C5'" "H5''" sing N N 85  
G   "C4'" "O4'"  sing N N 86  
G   "C4'" "C3'"  sing N N 87  
G   "C4'" "H4'"  sing N N 88  
G   "O4'" "C1'"  sing N N 89  
G   "C3'" "O3'"  sing N N 90  
G   "C3'" "C2'"  sing N N 91  
G   "C3'" "H3'"  sing N N 92  
G   "O3'" "HO3'" sing N N 93  
G   "C2'" "O2'"  sing N N 94  
G   "C2'" "C1'"  sing N N 95  
G   "C2'" "H2'"  sing N N 96  
G   "O2'" "HO2'" sing N N 97  
G   "C1'" N9     sing N N 98  
G   "C1'" "H1'"  sing N N 99  
G   N9    C8     sing Y N 100 
G   N9    C4     sing Y N 101 
G   C8    N7     doub Y N 102 
G   C8    H8     sing N N 103 
G   N7    C5     sing Y N 104 
G   C5    C6     sing N N 105 
G   C5    C4     doub Y N 106 
G   C6    O6     doub N N 107 
G   C6    N1     sing N N 108 
G   N1    C2     sing N N 109 
G   N1    H1     sing N N 110 
G   C2    N2     sing N N 111 
G   C2    N3     doub N N 112 
G   N2    H21    sing N N 113 
G   N2    H22    sing N N 114 
G   N3    C4     sing N N 115 
HOH O     H1     sing N N 116 
HOH O     H2     sing N N 117 
U   OP3   P      sing N N 118 
U   OP3   HOP3   sing N N 119 
U   P     OP1    doub N N 120 
U   P     OP2    sing N N 121 
U   P     "O5'"  sing N N 122 
U   OP2   HOP2   sing N N 123 
U   "O5'" "C5'"  sing N N 124 
U   "C5'" "C4'"  sing N N 125 
U   "C5'" "H5'"  sing N N 126 
U   "C5'" "H5''" sing N N 127 
U   "C4'" "O4'"  sing N N 128 
U   "C4'" "C3'"  sing N N 129 
U   "C4'" "H4'"  sing N N 130 
U   "O4'" "C1'"  sing N N 131 
U   "C3'" "O3'"  sing N N 132 
U   "C3'" "C2'"  sing N N 133 
U   "C3'" "H3'"  sing N N 134 
U   "O3'" "HO3'" sing N N 135 
U   "C2'" "O2'"  sing N N 136 
U   "C2'" "C1'"  sing N N 137 
U   "C2'" "H2'"  sing N N 138 
U   "O2'" "HO2'" sing N N 139 
U   "C1'" N1     sing N N 140 
U   "C1'" "H1'"  sing N N 141 
U   N1    C2     sing N N 142 
U   N1    C6     sing N N 143 
U   C2    O2     doub N N 144 
U   C2    N3     sing N N 145 
U   N3    C4     sing N N 146 
U   N3    H3     sing N N 147 
U   C4    O4     doub N N 148 
U   C4    C5     sing N N 149 
U   C5    C6     doub N N 150 
U   C5    H5     sing N N 151 
U   C6    H6     sing N N 152 
# 
loop_
_ndb_struct_conf_na.entry_id 
_ndb_struct_conf_na.feature 
3BNP 'a-form double helix'  
3BNP 'mismatched base pair' 
3BNP 'internal loop'        
# 
loop_
_ndb_struct_na_base_pair.model_number 
_ndb_struct_na_base_pair.i_label_asym_id 
_ndb_struct_na_base_pair.i_label_comp_id 
_ndb_struct_na_base_pair.i_label_seq_id 
_ndb_struct_na_base_pair.i_symmetry 
_ndb_struct_na_base_pair.j_label_asym_id 
_ndb_struct_na_base_pair.j_label_comp_id 
_ndb_struct_na_base_pair.j_label_seq_id 
_ndb_struct_na_base_pair.j_symmetry 
_ndb_struct_na_base_pair.shear 
_ndb_struct_na_base_pair.stretch 
_ndb_struct_na_base_pair.stagger 
_ndb_struct_na_base_pair.buckle 
_ndb_struct_na_base_pair.propeller 
_ndb_struct_na_base_pair.opening 
_ndb_struct_na_base_pair.pair_number 
_ndb_struct_na_base_pair.pair_name 
_ndb_struct_na_base_pair.i_auth_asym_id 
_ndb_struct_na_base_pair.i_auth_seq_id 
_ndb_struct_na_base_pair.i_PDB_ins_code 
_ndb_struct_na_base_pair.j_auth_asym_id 
_ndb_struct_na_base_pair.j_auth_seq_id 
_ndb_struct_na_base_pair.j_PDB_ins_code 
_ndb_struct_na_base_pair.hbond_type_28 
_ndb_struct_na_base_pair.hbond_type_12 
1 A G 2  1_555 B C 21 1_555 -0.328 -0.175 0.249  -9.474  -2.825  1.080   1  A_G2:C21_B  A 2  ? B 21 ? 19 1 
1 A C 3  1_555 B G 20 1_555 0.404  -0.045 0.256  -1.390  -5.465  8.424   2  A_C3:G20_B  A 3  ? B 20 ? 19 1 
1 A G 4  1_555 B C 19 1_555 -0.089 -0.097 0.057  -0.849  -11.875 5.749   3  A_G4:C19_B  A 4  ? B 19 ? 19 1 
1 A U 5  1_555 B U 18 1_555 1.667  -1.875 0.212  0.170   -22.401 2.343   4  A_U5:U18_B  A 5  ? B 18 ? 16 1 
1 A C 6  1_555 B G 17 1_555 -0.292 0.046  0.120  0.795   -10.982 1.044   5  A_C6:G17_B  A 6  ? B 17 ? 19 1 
1 A C 9  1_555 B G 13 1_555 -0.139 0.120  0.542  5.463   0.417   6.383   6  A_C9:G13_B  A 9  ? B 13 ? 19 1 
1 A C 10 1_555 B G 12 1_555 -0.346 -0.158 -0.566 15.969  -18.043 5.568   7  A_C10:G12_B A 10 ? B 12 ? 19 1 
1 A C 11 1_555 B G 11 1_555 0.016  -0.188 -0.118 5.411   -7.854  3.235   8  A_C11:G11_B A 11 ? B 11 ? 19 1 
1 A G 12 1_555 B C 10 1_555 -0.037 -0.308 0.446  1.257   -5.043  -1.668  9  A_G12:C10_B A 12 ? B 10 ? 19 1 
1 A G 13 1_555 B C 9  1_555 0.039  -0.048 -0.230 -8.117  -6.003  3.103   10 A_G13:C9_B  A 13 ? B 9  ? 19 1 
1 A G 14 1_555 B C 8  1_555 -0.043 -0.241 -0.245 -14.844 -12.582 1.770   11 A_G14:C8_B  A 14 ? B 8  ? 19 1 
1 A C 15 1_555 B C 7  1_555 6.919  -2.920 1.322  -12.189 1.321   -10.866 12 A_C15:C7_B  A 15 ? B 7  ? ?  ? 
1 A G 18 1_555 B C 5  1_555 0.539  0.031  0.282  0.773   -1.738  2.154   13 A_G18:C5_B  A 18 ? B 5  ? 19 1 
1 A U 19 1_555 B U 4  1_555 -1.744 -1.639 0.389  3.872   -13.201 6.777   14 A_U19:U4_B  A 19 ? B 4  ? 16 1 
1 A C 20 1_555 B G 3  1_555 -0.035 -0.063 -0.381 9.815   -16.090 7.060   15 A_C20:G3_B  A 20 ? B 3  ? 19 1 
1 A G 21 1_555 B C 2  1_555 -0.109 -0.300 -0.122 -5.546  -9.674  0.470   16 A_G21:C2_B  A 21 ? B 2  ? 19 1 
1 A C 22 1_555 B G 1  1_555 0.148  -0.269 0.100  -2.409  2.246   -3.157  17 A_C22:G1_B  A 22 ? B 1  ? 19 1 
# 
loop_
_ndb_struct_na_base_pair_step.model_number 
_ndb_struct_na_base_pair_step.i_label_asym_id_1 
_ndb_struct_na_base_pair_step.i_label_comp_id_1 
_ndb_struct_na_base_pair_step.i_label_seq_id_1 
_ndb_struct_na_base_pair_step.i_symmetry_1 
_ndb_struct_na_base_pair_step.j_label_asym_id_1 
_ndb_struct_na_base_pair_step.j_label_comp_id_1 
_ndb_struct_na_base_pair_step.j_label_seq_id_1 
_ndb_struct_na_base_pair_step.j_symmetry_1 
_ndb_struct_na_base_pair_step.i_label_asym_id_2 
_ndb_struct_na_base_pair_step.i_label_comp_id_2 
_ndb_struct_na_base_pair_step.i_label_seq_id_2 
_ndb_struct_na_base_pair_step.i_symmetry_2 
_ndb_struct_na_base_pair_step.j_label_asym_id_2 
_ndb_struct_na_base_pair_step.j_label_comp_id_2 
_ndb_struct_na_base_pair_step.j_label_seq_id_2 
_ndb_struct_na_base_pair_step.j_symmetry_2 
_ndb_struct_na_base_pair_step.shift 
_ndb_struct_na_base_pair_step.slide 
_ndb_struct_na_base_pair_step.rise 
_ndb_struct_na_base_pair_step.tilt 
_ndb_struct_na_base_pair_step.roll 
_ndb_struct_na_base_pair_step.twist 
_ndb_struct_na_base_pair_step.x_displacement 
_ndb_struct_na_base_pair_step.y_displacement 
_ndb_struct_na_base_pair_step.helical_rise 
_ndb_struct_na_base_pair_step.inclination 
_ndb_struct_na_base_pair_step.tip 
_ndb_struct_na_base_pair_step.helical_twist 
_ndb_struct_na_base_pair_step.step_number 
_ndb_struct_na_base_pair_step.step_name 
_ndb_struct_na_base_pair_step.i_auth_asym_id_1 
_ndb_struct_na_base_pair_step.i_auth_seq_id_1 
_ndb_struct_na_base_pair_step.i_PDB_ins_code_1 
_ndb_struct_na_base_pair_step.j_auth_asym_id_1 
_ndb_struct_na_base_pair_step.j_auth_seq_id_1 
_ndb_struct_na_base_pair_step.j_PDB_ins_code_1 
_ndb_struct_na_base_pair_step.i_auth_asym_id_2 
_ndb_struct_na_base_pair_step.i_auth_seq_id_2 
_ndb_struct_na_base_pair_step.i_PDB_ins_code_2 
_ndb_struct_na_base_pair_step.j_auth_asym_id_2 
_ndb_struct_na_base_pair_step.j_auth_seq_id_2 
_ndb_struct_na_base_pair_step.j_PDB_ins_code_2 
1 A G 2  1_555 B C 21 1_555 A C 3  1_555 B G 20 1_555 0.253  -1.936 3.125 1.707  0.291  33.494 -3.400 -0.171 3.117 0.504  -2.959  
33.538 1  AA_G2C3:G20C21_BB   A 2  ? B 21 ? A 3  ? B 20 ? 
1 A C 3  1_555 B G 20 1_555 A G 4  1_555 B C 19 1_555 0.053  -2.135 3.204 1.437  3.955  24.118 -6.175 0.289  2.821 9.375  -3.407  
24.477 2  AA_C3G4:C19G20_BB   A 3  ? B 20 ? A 4  ? B 19 ? 
1 A G 4  1_555 B C 19 1_555 A U 5  1_555 B U 18 1_555 -0.217 -1.042 3.247 -1.101 4.330  42.378 -1.861 0.190  3.135 5.970  1.518   
42.602 3  AA_G4U5:U18C19_BB   A 4  ? B 19 ? A 5  ? B 18 ? 
1 A U 5  1_555 B U 18 1_555 A C 6  1_555 B G 17 1_555 0.172  -1.300 3.122 4.606  6.679  30.491 -3.533 0.471  2.777 12.425 -8.569  
31.528 4  AA_U5C6:G17U18_BB   A 5  ? B 18 ? A 6  ? B 17 ? 
1 A C 9  1_555 B G 13 1_555 A C 10 1_555 B G 12 1_555 -0.687 -2.039 2.897 4.228  1.055  32.429 -3.777 1.850  2.722 1.878  -7.528  
32.713 5  AA_C9C10:G12G13_BB  A 9  ? B 13 ? A 10 ? B 12 ? 
1 A C 10 1_555 B G 12 1_555 A C 11 1_555 B G 11 1_555 -0.463 -1.719 3.561 -4.802 8.887  32.946 -4.335 0.010  3.044 15.230 8.230   
34.419 6  AA_C10C11:G11G12_BB A 10 ? B 12 ? A 11 ? B 11 ? 
1 A C 11 1_555 B G 11 1_555 A G 12 1_555 B C 10 1_555 -0.164 -2.163 3.101 -5.085 5.017  31.867 -4.636 -0.504 2.731 8.997  9.118   
32.637 7  AA_C11G12:C10G11_BB A 11 ? B 11 ? A 12 ? B 10 ? 
1 A G 12 1_555 B C 10 1_555 A G 13 1_555 B C 9  1_555 0.330  -2.034 3.502 7.880  4.265  30.376 -4.553 0.915  3.178 7.925  -14.642 
31.640 8  AA_G12G13:C9C10_BB  A 12 ? B 10 ? A 13 ? B 9  ? 
1 A G 13 1_555 B C 9  1_555 A G 14 1_555 B C 8  1_555 0.455  -2.061 3.444 6.819  8.003  32.564 -4.766 0.298  2.905 13.829 -11.783 
34.175 9  AA_G13G14:C8C9_BB   A 13 ? B 9  ? A 14 ? B 8  ? 
1 A G 14 1_555 B C 8  1_555 A C 15 1_555 B C 7  1_555 -0.952 -1.211 3.163 -3.574 10.314 55.363 -1.833 0.817  2.964 10.982 3.805   
56.345 10 AA_G14C15:C7C8_BB   A 14 ? B 8  ? A 15 ? B 7  ? 
1 A G 18 1_555 B C 5  1_555 A U 19 1_555 B U 4  1_555 0.058  -1.594 2.988 -6.347 8.516  29.256 -4.356 -1.138 2.377 16.203 12.075  
31.085 11 AA_G18U19:U4C5_BB   A 18 ? B 5  ? A 19 ? B 4  ? 
1 A U 19 1_555 B U 4  1_555 A C 20 1_555 B G 3  1_555 -0.188 -1.035 3.088 3.395  5.999  39.266 -2.157 0.637  2.880 8.844  -5.005  
39.843 12 AA_U19C20:G3U4_BB   A 19 ? B 4  ? A 20 ? B 3  ? 
1 A C 20 1_555 B G 3  1_555 A G 21 1_555 B C 2  1_555 -0.535 -1.705 3.597 -2.883 14.528 29.456 -5.476 0.456  2.539 26.561 5.272   
32.897 13 AA_C20G21:C2G3_BB   A 20 ? B 3  ? A 21 ? B 2  ? 
1 A G 21 1_555 B C 2  1_555 A C 22 1_555 B G 1  1_555 0.174  -1.153 3.274 0.593  8.257  32.561 -3.296 -0.209 2.906 14.437 -1.037  
33.569 14 AA_G21C22:G1C2_BB   A 21 ? B 2  ? A 22 ? B 1  ? 
# 
_atom_sites.entry_id                    3BNP 
_atom_sites.fract_transf_matrix[1][1]   -0.00451004 
_atom_sites.fract_transf_matrix[1][2]   0.00696516 
_atom_sites.fract_transf_matrix[1][3]   0.01529824 
_atom_sites.fract_transf_matrix[2][1]   -0.01368997 
_atom_sites.fract_transf_matrix[2][2]   -0.00627646 
_atom_sites.fract_transf_matrix[2][3]   0.00872095 
_atom_sites.fract_transf_matrix[3][1]   0.01042117 
_atom_sites.fract_transf_matrix[3][2]   -0.01130792 
_atom_sites.fract_transf_matrix[3][3]   0.00822065 
_atom_sites.fract_transf_vector[1]      0.756216 
_atom_sites.fract_transf_vector[2]      0.569480 
_atom_sites.fract_transf_vector[3]      0.087305 
# 
loop_
_atom_type.symbol 
C 
K 
N 
O 
P 
# 
loop_
_atom_site.group_PDB 
_atom_site.id 
_atom_site.type_symbol 
_atom_site.label_atom_id 
_atom_site.label_alt_id 
_atom_site.label_comp_id 
_atom_site.label_asym_id 
_atom_site.label_entity_id 
_atom_site.label_seq_id 
_atom_site.pdbx_PDB_ins_code 
_atom_site.Cartn_x 
_atom_site.Cartn_y 
_atom_site.Cartn_z 
_atom_site.occupancy 
_atom_site.B_iso_or_equiv 
_atom_site.pdbx_formal_charge 
_atom_site.auth_seq_id 
_atom_site.auth_comp_id 
_atom_site.auth_asym_id 
_atom_site.auth_atom_id 
_atom_site.pdbx_PDB_model_num 
ATOM   1   O "O5'" . C   A 1 1  ? 8.652   -26.143 10.348  1.00 96.83  ? 1  C   A "O5'" 1 
ATOM   2   C "C5'" . C   A 1 1  ? 7.508   -26.288 11.201  1.00 100.38 ? 1  C   A "C5'" 1 
ATOM   3   C "C4'" . C   A 1 1  ? 7.830   -26.063 12.663  1.00 98.06  ? 1  C   A "C4'" 1 
ATOM   4   O "O4'" . C   A 1 1  ? 8.964   -26.878 13.041  1.00 96.00  ? 1  C   A "O4'" 1 
ATOM   5   C "C3'" . C   A 1 1  ? 8.259   -24.656 13.048  1.00 92.58  ? 1  C   A "C3'" 1 
ATOM   6   O "O3'" . C   A 1 1  ? 7.110   -23.845 13.257  1.00 94.08  ? 1  C   A "O3'" 1 
ATOM   7   C "C2'" . C   A 1 1  ? 9.019   -24.883 14.354  1.00 92.47  ? 1  C   A "C2'" 1 
ATOM   8   O "O2'" . C   A 1 1  ? 8.166   -24.888 15.486  1.00 88.70  ? 1  C   A "O2'" 1 
ATOM   9   C "C1'" . C   A 1 1  ? 9.626   -26.274 14.133  1.00 89.40  ? 1  C   A "C1'" 1 
ATOM   10  N N1    . C   A 1 1  ? 11.077  -26.319 13.872  1.00 88.61  ? 1  C   A N1    1 
ATOM   11  C C2    . C   A 1 1  ? 11.828  -27.314 14.508  1.00 90.35  ? 1  C   A C2    1 
ATOM   12  O O2    . C   A 1 1  ? 11.256  -28.088 15.288  1.00 88.70  ? 1  C   A O2    1 
ATOM   13  N N3    . C   A 1 1  ? 13.157  -27.405 14.266  1.00 91.43  ? 1  C   A N3    1 
ATOM   14  C C4    . C   A 1 1  ? 13.742  -26.541 13.436  1.00 89.90  ? 1  C   A C4    1 
ATOM   15  N N4    . C   A 1 1  ? 15.063  -26.670 13.237  1.00 78.31  ? 1  C   A N4    1 
ATOM   16  C C5    . C   A 1 1  ? 13.002  -25.506 12.777  1.00 86.80  ? 1  C   A C5    1 
ATOM   17  C C6    . C   A 1 1  ? 11.681  -25.434 13.023  1.00 79.37  ? 1  C   A C6    1 
ATOM   18  P P     . G   A 1 2  ? 7.113   -22.321 12.747  1.00 95.22  ? 2  G   A P     1 
ATOM   19  O OP1   . G   A 1 2  ? 5.751   -21.741 12.921  1.00 94.56  ? 2  G   A OP1   1 
ATOM   20  O OP2   . G   A 1 2  ? 7.735   -22.319 11.395  1.00 103.29 ? 2  G   A OP2   1 
ATOM   21  O "O5'" . G   A 1 2  ? 8.131   -21.605 13.748  1.00 98.17  ? 2  G   A "O5'" 1 
ATOM   22  C "C5'" . G   A 1 2  ? 7.921   -21.630 15.160  1.00 75.90  ? 2  G   A "C5'" 1 
ATOM   23  C "C4'" . G   A 1 2  ? 8.958   -20.782 15.862  1.00 61.54  ? 2  G   A "C4'" 1 
ATOM   24  O "O4'" . G   A 1 2  ? 10.226  -21.488 15.955  1.00 63.89  ? 2  G   A "O4'" 1 
ATOM   25  C "C3'" . G   A 1 2  ? 9.284   -19.451 15.209  1.00 61.86  ? 2  G   A "C3'" 1 
ATOM   26  O "O3'" . G   A 1 2  ? 8.368   -18.448 15.629  1.00 62.02  ? 2  G   A "O3'" 1 
ATOM   27  C "C2'" . G   A 1 2  ? 10.690  -19.189 15.732  1.00 58.77  ? 2  G   A "C2'" 1 
ATOM   28  O "O2'" . G   A 1 2  ? 10.706  -18.705 17.049  1.00 62.31  ? 2  G   A "O2'" 1 
ATOM   29  C "C1'" . G   A 1 2  ? 11.295  -20.591 15.701  1.00 63.58  ? 2  G   A "C1'" 1 
ATOM   30  N N9    . G   A 1 2  ? 11.860  -20.910 14.392  1.00 76.27  ? 2  G   A N9    1 
ATOM   31  C C8    . G   A 1 2  ? 11.440  -21.893 13.526  1.00 68.79  ? 2  G   A C8    1 
ATOM   32  N N7    . G   A 1 2  ? 12.099  -21.901 12.402  1.00 64.64  ? 2  G   A N7    1 
ATOM   33  C C5    . G   A 1 2  ? 13.018  -20.871 12.534  1.00 65.68  ? 2  G   A C5    1 
ATOM   34  C C6    . G   A 1 2  ? 13.986  -20.390 11.626  1.00 67.44  ? 2  G   A C6    1 
ATOM   35  O O6    . G   A 1 2  ? 14.243  -20.800 10.492  1.00 65.25  ? 2  G   A O6    1 
ATOM   36  N N1    . G   A 1 2  ? 14.702  -19.320 12.157  1.00 57.01  ? 2  G   A N1    1 
ATOM   37  C C2    . G   A 1 2  ? 14.515  -18.792 13.411  1.00 59.18  ? 2  G   A C2    1 
ATOM   38  N N2    . G   A 1 2  ? 15.313  -17.783 13.749  1.00 46.47  ? 2  G   A N2    1 
ATOM   39  N N3    . G   A 1 2  ? 13.611  -19.231 14.270  1.00 64.63  ? 2  G   A N3    1 
ATOM   40  C C4    . G   A 1 2  ? 12.898  -20.262 13.766  1.00 74.56  ? 2  G   A C4    1 
ATOM   41  P P     . C   A 1 3  ? 7.855   -17.338 14.579  1.00 73.93  ? 3  C   A P     1 
ATOM   42  O OP1   . C   A 1 3  ? 6.756   -16.577 15.235  1.00 76.18  ? 3  C   A OP1   1 
ATOM   43  O OP2   . C   A 1 3  ? 7.612   -17.996 13.268  1.00 67.33  ? 3  C   A OP2   1 
ATOM   44  O "O5'" . C   A 1 3  ? 9.088   -16.337 14.415  1.00 71.62  ? 3  C   A "O5'" 1 
ATOM   45  C "C5'" . C   A 1 3  ? 9.643   -15.662 15.539  1.00 63.28  ? 3  C   A "C5'" 1 
ATOM   46  C "C4'" . C   A 1 3  ? 10.928  -14.972 15.153  1.00 63.98  ? 3  C   A "C4'" 1 
ATOM   47  O "O4'" . C   A 1 3  ? 11.908  -15.969 14.771  1.00 66.93  ? 3  C   A "O4'" 1 
ATOM   48  C "C3'" . C   A 1 3  ? 10.859  -14.054 13.945  1.00 70.43  ? 3  C   A "C3'" 1 
ATOM   49  O "O3'" . C   A 1 3  ? 10.405  -12.758 14.299  1.00 70.10  ? 3  C   A "O3'" 1 
ATOM   50  C "C2'" . C   A 1 3  ? 12.313  -14.017 13.499  1.00 58.74  ? 3  C   A "C2'" 1 
ATOM   51  O "O2'" . C   A 1 3  ? 13.117  -13.164 14.285  1.00 63.34  ? 3  C   A "O2'" 1 
ATOM   52  C "C1'" . C   A 1 3  ? 12.721  -15.467 13.726  1.00 58.25  ? 3  C   A "C1'" 1 
ATOM   53  N N1    . C   A 1 3  ? 12.533  -16.315 12.533  1.00 66.82  ? 3  C   A N1    1 
ATOM   54  C C2    . C   A 1 3  ? 13.458  -16.206 11.484  1.00 59.12  ? 3  C   A C2    1 
ATOM   55  O O2    . C   A 1 3  ? 14.386  -15.395 11.585  1.00 55.48  ? 3  C   A O2    1 
ATOM   56  N N3    . C   A 1 3  ? 13.314  -16.987 10.390  1.00 52.35  ? 3  C   A N3    1 
ATOM   57  C C4    . C   A 1 3  ? 12.301  -17.845 10.317  1.00 55.27  ? 3  C   A C4    1 
ATOM   58  N N4    . C   A 1 3  ? 12.202  -18.594 9.227   1.00 50.49  ? 3  C   A N4    1 
ATOM   59  C C5    . C   A 1 3  ? 11.340  -17.974 11.366  1.00 59.02  ? 3  C   A C5    1 
ATOM   60  C C6    . C   A 1 3  ? 11.491  -17.195 12.446  1.00 52.25  ? 3  C   A C6    1 
ATOM   61  P P     . G   A 1 4  ? 9.530   -11.908 13.253  1.00 74.54  ? 4  G   A P     1 
ATOM   62  O OP1   . G   A 1 4  ? 9.056   -10.742 14.030  1.00 66.54  ? 4  G   A OP1   1 
ATOM   63  O OP2   . G   A 1 4  ? 8.549   -12.836 12.622  1.00 77.81  ? 4  G   A OP2   1 
ATOM   64  O "O5'" . G   A 1 4  ? 10.550  -11.403 12.129  1.00 62.58  ? 4  G   A "O5'" 1 
ATOM   65  C "C5'" . G   A 1 4  ? 11.641  -10.559 12.478  1.00 76.92  ? 4  G   A "C5'" 1 
ATOM   66  C "C4'" . G   A 1 4  ? 12.769  -10.670 11.471  1.00 78.64  ? 4  G   A "C4'" 1 
ATOM   67  O "O4'" . G   A 1 4  ? 13.161  -12.051 11.250  1.00 76.35  ? 4  G   A "O4'" 1 
ATOM   68  C "C3'" . G   A 1 4  ? 12.540  -10.191 10.051  1.00 82.49  ? 4  G   A "C3'" 1 
ATOM   69  O "O3'" . G   A 1 4  ? 12.499  -8.771  9.961   1.00 95.04  ? 4  G   A "O3'" 1 
ATOM   70  C "C2'" . G   A 1 4  ? 13.777  -10.756 9.367   1.00 76.90  ? 4  G   A "C2'" 1 
ATOM   71  O "O2'" . G   A 1 4  ? 14.957  -10.054 9.679   1.00 68.37  ? 4  G   A "O2'" 1 
ATOM   72  C "C1'" . G   A 1 4  ? 13.852  -12.138 10.010  1.00 70.10  ? 4  G   A "C1'" 1 
ATOM   73  N N9    . G   A 1 4  ? 13.213  -13.151 9.179   1.00 64.50  ? 4  G   A N9    1 
ATOM   74  C C8    . G   A 1 4  ? 12.055  -13.837 9.440   1.00 59.02  ? 4  G   A C8    1 
ATOM   75  N N7    . G   A 1 4  ? 11.759  -14.710 8.515   1.00 67.49  ? 4  G   A N7    1 
ATOM   76  C C5    . G   A 1 4  ? 12.781  -14.585 7.583   1.00 55.59  ? 4  G   A C5    1 
ATOM   77  C C6    . G   A 1 4  ? 13.011  -15.280 6.360   1.00 60.92  ? 4  G   A C6    1 
ATOM   78  O O6    . G   A 1 4  ? 12.353  -16.197 5.854   1.00 60.85  ? 4  G   A O6    1 
ATOM   79  N N1    . G   A 1 4  ? 14.151  -14.816 5.717   1.00 61.10  ? 4  G   A N1    1 
ATOM   80  C C2    . G   A 1 4  ? 14.976  -13.827 6.189   1.00 65.41  ? 4  G   A C2    1 
ATOM   81  N N2    . G   A 1 4  ? 16.022  -13.515 5.414   1.00 60.15  ? 4  G   A N2    1 
ATOM   82  N N3    . G   A 1 4  ? 14.787  -13.188 7.331   1.00 61.18  ? 4  G   A N3    1 
ATOM   83  C C4    . G   A 1 4  ? 13.677  -13.614 7.972   1.00 59.86  ? 4  G   A C4    1 
ATOM   84  P P     . U   A 1 5  ? 11.642  -8.073  8.791   1.00 92.56  ? 5  U   A P     1 
ATOM   85  O OP1   . U   A 1 5  ? 11.641  -6.614  9.063   1.00 92.50  ? 5  U   A OP1   1 
ATOM   86  O OP2   . U   A 1 5  ? 10.348  -8.805  8.701   1.00 93.90  ? 5  U   A OP2   1 
ATOM   87  O "O5'" . U   A 1 5  ? 12.503  -8.343  7.474   1.00 82.63  ? 5  U   A "O5'" 1 
ATOM   88  C "C5'" . U   A 1 5  ? 13.899  -8.041  7.438   1.00 74.63  ? 5  U   A "C5'" 1 
ATOM   89  C "C4'" . U   A 1 5  ? 14.520  -8.583  6.169   1.00 89.59  ? 5  U   A "C4'" 1 
ATOM   90  O "O4'" . U   A 1 5  ? 14.468  -10.034 6.189   1.00 87.36  ? 5  U   A "O4'" 1 
ATOM   91  C "C3'" . U   A 1 5  ? 13.817  -8.199  4.871   1.00 95.91  ? 5  U   A "C3'" 1 
ATOM   92  O "O3'" . U   A 1 5  ? 14.235  -6.919  4.404   1.00 95.75  ? 5  U   A "O3'" 1 
ATOM   93  C "C2'" . U   A 1 5  ? 14.228  -9.323  3.923   1.00 89.41  ? 5  U   A "C2'" 1 
ATOM   94  O "O2'" . U   A 1 5  ? 15.480  -9.128  3.296   1.00 77.10  ? 5  U   A "O2'" 1 
ATOM   95  C "C1'" . U   A 1 5  ? 14.286  -10.523 4.868   1.00 83.16  ? 5  U   A "C1'" 1 
ATOM   96  N N1    . U   A 1 5  ? 13.080  -11.365 4.848   1.00 74.81  ? 5  U   A N1    1 
ATOM   97  C C2    . U   A 1 5  ? 12.970  -12.299 3.830   1.00 66.87  ? 5  U   A C2    1 
ATOM   98  O O2    . U   A 1 5  ? 13.778  -12.384 2.923   1.00 57.45  ? 5  U   A O2    1 
ATOM   99  N N3    . U   A 1 5  ? 11.873  -13.121 3.914   1.00 64.56  ? 5  U   A N3    1 
ATOM   100 C C4    . U   A 1 5  ? 10.882  -13.092 4.886   1.00 70.89  ? 5  U   A C4    1 
ATOM   101 O O4    . U   A 1 5  ? 10.030  -13.987 4.909   1.00 67.76  ? 5  U   A O4    1 
ATOM   102 C C5    . U   A 1 5  ? 11.039  -12.058 5.871   1.00 61.52  ? 5  U   A C5    1 
ATOM   103 C C6    . U   A 1 5  ? 12.105  -11.251 5.822   1.00 63.96  ? 5  U   A C6    1 
ATOM   104 P P     . C   A 1 6  ? 13.127  -5.804  4.058   1.00 101.90 ? 6  C   A P     1 
ATOM   105 O OP1   . C   A 1 6  ? 13.786  -4.479  4.235   1.00 100.33 ? 6  C   A OP1   1 
ATOM   106 O OP2   . C   A 1 6  ? 11.888  -6.119  4.828   1.00 87.83  ? 6  C   A OP2   1 
ATOM   107 O "O5'" . C   A 1 6  ? 12.834  -6.020  2.505   1.00 100.65 ? 6  C   A "O5'" 1 
ATOM   108 C "C5'" . C   A 1 6  ? 13.832  -5.723  1.526   1.00 97.16  ? 6  C   A "C5'" 1 
ATOM   109 C "C4'" . C   A 1 6  ? 13.631  -6.573  0.296   1.00 93.31  ? 6  C   A "C4'" 1 
ATOM   110 O "O4'" . C   A 1 6  ? 13.769  -7.980  0.636   1.00 91.58  ? 6  C   A "O4'" 1 
ATOM   111 C "C3'" . C   A 1 6  ? 12.253  -6.492  -0.342  1.00 94.35  ? 6  C   A "C3'" 1 
ATOM   112 O "O3'" . C   A 1 6  ? 12.161  -5.364  -1.186  1.00 89.66  ? 6  C   A "O3'" 1 
ATOM   113 C "C2'" . C   A 1 6  ? 12.214  -7.778  -1.152  1.00 98.22  ? 6  C   A "C2'" 1 
ATOM   114 O "O2'" . C   A 1 6  ? 12.882  -7.700  -2.396  1.00 104.03 ? 6  C   A "O2'" 1 
ATOM   115 C "C1'" . C   A 1 6  ? 12.912  -8.749  -0.198  1.00 91.86  ? 6  C   A "C1'" 1 
ATOM   116 N N1    . C   A 1 6  ? 11.927  -9.464  0.635   1.00 81.57  ? 6  C   A N1    1 
ATOM   117 C C2    . C   A 1 6  ? 11.443  -10.679 0.170   1.00 68.21  ? 6  C   A C2    1 
ATOM   118 O O2    . C   A 1 6  ? 11.879  -11.114 -0.897  1.00 78.65  ? 6  C   A O2    1 
ATOM   119 N N3    . C   A 1 6  ? 10.511  -11.345 0.887   1.00 68.88  ? 6  C   A N3    1 
ATOM   120 C C4    . C   A 1 6  ? 10.052  -10.829 2.029   1.00 69.22  ? 6  C   A C4    1 
ATOM   121 N N4    . C   A 1 6  ? 9.099   -11.509 2.682   1.00 57.70  ? 6  C   A N4    1 
ATOM   122 C C5    . C   A 1 6  ? 10.543  -9.590  2.543   1.00 57.37  ? 6  C   A C5    1 
ATOM   123 C C6    . C   A 1 6  ? 11.478  -8.949  1.822   1.00 76.38  ? 6  C   A C6    1 
ATOM   124 P P     . A   A 1 7  ? 11.064  -4.244  -0.882  1.00 97.76  ? 7  A   A P     1 
ATOM   125 O OP1   . A   A 1 7  ? 11.523  -3.561  0.359   1.00 103.23 ? 7  A   A OP1   1 
ATOM   126 O OP2   . A   A 1 7  ? 9.696   -4.832  -0.945  1.00 80.25  ? 7  A   A OP2   1 
ATOM   127 O "O5'" . A   A 1 7  ? 11.252  -3.209  -2.072  1.00 94.54  ? 7  A   A "O5'" 1 
ATOM   128 C "C5'" . A   A 1 7  ? 12.338  -2.293  -2.059  1.00 99.96  ? 7  A   A "C5'" 1 
ATOM   129 C "C4'" . A   A 1 7  ? 12.794  -2.032  -3.464  1.00 105.78 ? 7  A   A "C4'" 1 
ATOM   130 O "O4'" . A   A 1 7  ? 13.376  -3.249  -4.011  1.00 110.68 ? 7  A   A "O4'" 1 
ATOM   131 C "C3'" . A   A 1 7  ? 11.660  -1.727  -4.427  1.00 107.18 ? 7  A   A "C3'" 1 
ATOM   132 O "O3'" . A   A 1 7  ? 11.213  -0.389  -4.344  1.00 102.64 ? 7  A   A "O3'" 1 
ATOM   133 C "C2'" . A   A 1 7  ? 12.283  -2.078  -5.765  1.00 110.80 ? 7  A   A "C2'" 1 
ATOM   134 O "O2'" . A   A 1 7  ? 13.168  -1.087  -6.244  1.00 114.25 ? 7  A   A "O2'" 1 
ATOM   135 C "C1'" . A   A 1 7  ? 13.036  -3.357  -5.392  1.00 113.62 ? 7  A   A "C1'" 1 
ATOM   136 N N9    . A   A 1 7  ? 12.247  -4.577  -5.584  1.00 108.91 ? 7  A   A N9    1 
ATOM   137 C C8    . A   A 1 7  ? 11.695  -5.384  -4.617  1.00 109.95 ? 7  A   A C8    1 
ATOM   138 N N7    . A   A 1 7  ? 10.993  -6.382  -5.100  1.00 106.38 ? 7  A   A N7    1 
ATOM   139 C C5    . A   A 1 7  ? 11.101  -6.235  -6.475  1.00 108.40 ? 7  A   A C5    1 
ATOM   140 C C6    . A   A 1 7  ? 10.569  -6.973  -7.558  1.00 110.38 ? 7  A   A C6    1 
ATOM   141 N N6    . A   A 1 7  ? 9.804   -8.056  -7.412  1.00 98.99  ? 7  A   A N6    1 
ATOM   142 N N1    . A   A 1 7  ? 10.853  -6.548  -8.810  1.00 109.11 ? 7  A   A N1    1 
ATOM   143 C C2    . A   A 1 7  ? 11.624  -5.463  -8.955  1.00 110.50 ? 7  A   A C2    1 
ATOM   144 N N3    . A   A 1 7  ? 12.186  -4.693  -8.020  1.00 108.12 ? 7  A   A N3    1 
ATOM   145 C C4    . A   A 1 7  ? 11.880  -5.135  -6.788  1.00 108.46 ? 7  A   A C4    1 
ATOM   146 P P     . C   A 1 8  ? 9.664   -0.071  -4.594  1.00 110.69 ? 8  C   A P     1 
ATOM   147 O OP1   . C   A 1 8  ? 9.412   1.366   -4.313  1.00 118.78 ? 8  C   A OP1   1 
ATOM   148 O OP2   . C   A 1 8  ? 8.882   -1.104  -3.872  1.00 117.44 ? 8  C   A OP2   1 
ATOM   149 O "O5'" . C   A 1 8  ? 9.509   -0.323  -6.160  1.00 115.76 ? 8  C   A "O5'" 1 
ATOM   150 C "C5'" . C   A 1 8  ? 10.423  0.264   -7.085  1.00 111.00 ? 8  C   A "C5'" 1 
ATOM   151 C "C4'" . C   A 1 8  ? 10.190  -0.287  -8.468  1.00 101.29 ? 8  C   A "C4'" 1 
ATOM   152 O "O4'" . C   A 1 8  ? 10.718  -1.637  -8.579  1.00 100.45 ? 8  C   A "O4'" 1 
ATOM   153 C "C3'" . C   A 1 8  ? 8.730   -0.411  -8.852  1.00 97.39  ? 8  C   A "C3'" 1 
ATOM   154 O "O3'" . C   A 1 8  ? 8.193   0.831   -9.268  1.00 91.67  ? 8  C   A "O3'" 1 
ATOM   155 C "C2'" . C   A 1 8  ? 8.780   -1.492  -9.921  1.00 104.94 ? 8  C   A "C2'" 1 
ATOM   156 O "O2'" . C   A 1 8  ? 9.203   -1.079  -11.207 1.00 102.53 ? 8  C   A "O2'" 1 
ATOM   157 C "C1'" . C   A 1 8  ? 9.796   -2.446  -9.295  1.00 104.94 ? 8  C   A "C1'" 1 
ATOM   158 N N1    . C   A 1 8  ? 9.165   -3.376  -8.346  1.00 98.31  ? 8  C   A N1    1 
ATOM   159 C C2    . C   A 1 8  ? 8.298   -4.358  -8.842  1.00 95.06  ? 8  C   A C2    1 
ATOM   160 O O2    . C   A 1 8  ? 8.074   -4.400  -10.060 1.00 91.04  ? 8  C   A O2    1 
ATOM   161 N N3    . C   A 1 8  ? 7.726   -5.229  -7.985  1.00 99.71  ? 8  C   A N3    1 
ATOM   162 C C4    . C   A 1 8  ? 7.980   -5.141  -6.677  1.00 99.56  ? 8  C   A C4    1 
ATOM   163 N N4    . C   A 1 8  ? 7.398   -6.028  -5.868  1.00 98.80  ? 8  C   A N4    1 
ATOM   164 C C5    . C   A 1 8  ? 8.844   -4.140  -6.142  1.00 95.89  ? 8  C   A C5    1 
ATOM   165 C C6    . C   A 1 8  ? 9.413   -3.287  -7.005  1.00 93.02  ? 8  C   A C6    1 
ATOM   166 P P     . C   A 1 9  ? 6.928   1.430   -8.485  1.00 100.44 ? 9  C   A P     1 
ATOM   167 O OP1   . C   A 1 9  ? 6.626   2.798   -9.003  1.00 101.60 ? 9  C   A OP1   1 
ATOM   168 O OP2   . C   A 1 9  ? 7.183   1.217   -7.030  1.00 96.71  ? 9  C   A OP2   1 
ATOM   169 O "O5'" . C   A 1 9  ? 5.736   0.482   -8.930  1.00 94.41  ? 9  C   A "O5'" 1 
ATOM   170 C "C5'" . C   A 1 9  ? 5.686   -0.026  -10.257 1.00 97.57  ? 9  C   A "C5'" 1 
ATOM   171 C "C4'" . C   A 1 9  ? 4.891   -1.305  -10.297 1.00 92.67  ? 9  C   A "C4'" 1 
ATOM   172 O "O4'" . C   A 1 9  ? 5.564   -2.377  -9.583  1.00 88.42  ? 9  C   A "O4'" 1 
ATOM   173 C "C3'" . C   A 1 9  ? 3.531   -1.266  -9.638  1.00 76.26  ? 9  C   A "C3'" 1 
ATOM   174 O "O3'" . C   A 1 9  ? 2.607   -0.595  -10.469 1.00 68.37  ? 9  C   A "O3'" 1 
ATOM   175 C "C2'" . C   A 1 9  ? 3.227   -2.747  -9.565  1.00 81.05  ? 9  C   A "C2'" 1 
ATOM   176 O "O2'" . C   A 1 9  ? 2.916   -3.241  -10.853 1.00 94.72  ? 9  C   A "O2'" 1 
ATOM   177 C "C1'" . C   A 1 9  ? 4.590   -3.307  -9.139  1.00 86.69  ? 9  C   A "C1'" 1 
ATOM   178 N N1    . C   A 1 9  ? 4.726   -3.477  -7.683  1.00 92.14  ? 9  C   A N1    1 
ATOM   179 C C2    . C   A 1 9  ? 3.874   -4.369  -7.033  1.00 85.67  ? 9  C   A C2    1 
ATOM   180 O O2    . C   A 1 9  ? 3.039   -4.976  -7.698  1.00 90.68  ? 9  C   A O2    1 
ATOM   181 N N3    . C   A 1 9  ? 3.983   -4.546  -5.696  1.00 83.00  ? 9  C   A N3    1 
ATOM   182 C C4    . C   A 1 9  ? 4.900   -3.867  -5.010  1.00 81.09  ? 9  C   A C4    1 
ATOM   183 N N4    . C   A 1 9  ? 4.972   -4.069  -3.695  1.00 78.42  ? 9  C   A N4    1 
ATOM   184 C C5    . C   A 1 9  ? 5.785   -2.946  -5.643  1.00 85.10  ? 9  C   A C5    1 
ATOM   185 C C6    . C   A 1 9  ? 5.664   -2.782  -6.972  1.00 92.73  ? 9  C   A C6    1 
ATOM   186 P P     . C   A 1 10 ? 1.214   -0.106  -9.852  1.00 83.68  ? 10 C   A P     1 
ATOM   187 O OP1   . C   A 1 10 ? 0.455   0.674   -10.866 1.00 86.88  ? 10 C   A OP1   1 
ATOM   188 O OP2   . C   A 1 10 ? 1.531   0.515   -8.542  1.00 77.26  ? 10 C   A OP2   1 
ATOM   189 O "O5'" . C   A 1 10 ? 0.416   -1.464  -9.595  1.00 91.29  ? 10 C   A "O5'" 1 
ATOM   190 C "C5'" . C   A 1 10 ? -0.206  -2.178  -10.668 1.00 75.99  ? 10 C   A "C5'" 1 
ATOM   191 C "C4'" . C   A 1 10 ? -1.191  -3.190  -10.124 1.00 72.38  ? 10 C   A "C4'" 1 
ATOM   192 O "O4'" . C   A 1 10 ? -0.477  -4.220  -9.382  1.00 69.06  ? 10 C   A "O4'" 1 
ATOM   193 C "C3'" . C   A 1 10 ? -2.208  -2.639  -9.139  1.00 76.61  ? 10 C   A "C3'" 1 
ATOM   194 O "O3'" . C   A 1 10 ? -3.335  -2.065  -9.775  1.00 67.72  ? 10 C   A "O3'" 1 
ATOM   195 C "C2'" . C   A 1 10 ? -2.581  -3.869  -8.319  1.00 74.35  ? 10 C   A "C2'" 1 
ATOM   196 O "O2'" . C   A 1 10 ? -3.627  -4.649  -8.856  1.00 83.81  ? 10 C   A "O2'" 1 
ATOM   197 C "C1'" . C   A 1 10 ? -1.253  -4.630  -8.267  1.00 74.55  ? 10 C   A "C1'" 1 
ATOM   198 N N1    . C   A 1 10 ? -0.525  -4.290  -7.035  1.00 77.59  ? 10 C   A N1    1 
ATOM   199 C C2    . C   A 1 10 ? -0.727  -5.076  -5.897  1.00 79.25  ? 10 C   A C2    1 
ATOM   200 O O2    . C   A 1 10 ? -1.461  -6.061  -5.976  1.00 90.97  ? 10 C   A O2    1 
ATOM   201 N N3    . C   A 1 10 ? -0.120  -4.738  -4.738  1.00 74.60  ? 10 C   A N3    1 
ATOM   202 C C4    . C   A 1 10 ? 0.667   -3.666  -4.692  1.00 68.24  ? 10 C   A C4    1 
ATOM   203 N N4    . C   A 1 10 ? 1.213   -3.346  -3.529  1.00 54.12  ? 10 C   A N4    1 
ATOM   204 C C5    . C   A 1 10 ? 0.920   -2.866  -5.844  1.00 77.19  ? 10 C   A C5    1 
ATOM   205 C C6    . C   A 1 10 ? 0.313   -3.211  -6.986  1.00 71.85  ? 10 C   A C6    1 
ATOM   206 P P     . C   A 1 11 ? -4.275  -1.068  -8.939  1.00 93.31  ? 11 C   A P     1 
ATOM   207 O OP1   . C   A 1 11 ? -5.305  -0.537  -9.863  1.00 100.34 ? 11 C   A OP1   1 
ATOM   208 O OP2   . C   A 1 11 ? -3.395  -0.131  -8.190  1.00 99.35  ? 11 C   A OP2   1 
ATOM   209 O "O5'" . C   A 1 11 ? -5.009  -1.982  -7.857  1.00 90.09  ? 11 C   A "O5'" 1 
ATOM   210 C "C5'" . C   A 1 11 ? -6.152  -2.752  -8.212  1.00 84.64  ? 11 C   A "C5'" 1 
ATOM   211 C "C4'" . C   A 1 11 ? -6.732  -3.425  -6.994  1.00 80.18  ? 11 C   A "C4'" 1 
ATOM   212 O "O4'" . C   A 1 11 ? -5.715  -4.262  -6.383  1.00 84.64  ? 11 C   A "O4'" 1 
ATOM   213 C "C3'" . C   A 1 11 ? -7.151  -2.502  -5.871  1.00 84.28  ? 11 C   A "C3'" 1 
ATOM   214 O "O3'" . C   A 1 11 ? -8.435  -1.952  -6.093  1.00 85.09  ? 11 C   A "O3'" 1 
ATOM   215 C "C2'" . C   A 1 11 ? -7.136  -3.446  -4.675  1.00 88.08  ? 11 C   A "C2'" 1 
ATOM   216 O "O2'" . C   A 1 11 ? -8.273  -4.279  -4.559  1.00 94.93  ? 11 C   A "O2'" 1 
ATOM   217 C "C1'" . C   A 1 11 ? -5.886  -4.276  -4.974  1.00 77.69  ? 11 C   A "C1'" 1 
ATOM   218 N N1    . C   A 1 11 ? -4.703  -3.661  -4.358  1.00 81.38  ? 11 C   A N1    1 
ATOM   219 C C2    . C   A 1 11 ? -4.486  -3.850  -2.987  1.00 75.91  ? 11 C   A C2    1 
ATOM   220 O O2    . C   A 1 11 ? -5.257  -4.577  -2.355  1.00 70.22  ? 11 C   A O2    1 
ATOM   221 N N3    . C   A 1 11 ? -3.442  -3.234  -2.389  1.00 76.96  ? 11 C   A N3    1 
ATOM   222 C C4    . C   A 1 11 ? -2.621  -2.467  -3.110  1.00 74.99  ? 11 C   A C4    1 
ATOM   223 N N4    . C   A 1 11 ? -1.620  -1.858  -2.478  1.00 72.78  ? 11 C   A N4    1 
ATOM   224 C C5    . C   A 1 11 ? -2.795  -2.286  -4.516  1.00 75.02  ? 11 C   A C5    1 
ATOM   225 C C6    . C   A 1 11 ? -3.838  -2.896  -5.094  1.00 72.44  ? 11 C   A C6    1 
ATOM   226 P P     . G   A 1 12 ? -8.871  -0.640  -5.279  1.00 100.85 ? 12 G   A P     1 
ATOM   227 O OP1   . G   A 1 12 ? -10.239 -0.238  -5.695  1.00 102.67 ? 12 G   A OP1   1 
ATOM   228 O OP2   . G   A 1 12 ? -7.754  0.337   -5.386  1.00 101.95 ? 12 G   A OP2   1 
ATOM   229 O "O5'" . G   A 1 12 ? -8.962  -1.144  -3.773  1.00 80.66  ? 12 G   A "O5'" 1 
ATOM   230 C "C5'" . G   A 1 12 ? -10.104 -1.841  -3.322  1.00 68.71  ? 12 G   A "C5'" 1 
ATOM   231 C "C4'" . G   A 1 12 ? -9.980  -2.125  -1.856  1.00 77.13  ? 12 G   A "C4'" 1 
ATOM   232 O "O4'" . G   A 1 12 ? -8.717  -2.804  -1.639  1.00 88.86  ? 12 G   A "O4'" 1 
ATOM   233 C "C3'" . G   A 1 12 ? -9.873  -0.905  -0.961  1.00 81.48  ? 12 G   A "C3'" 1 
ATOM   234 O "O3'" . G   A 1 12 ? -11.143 -0.350  -0.667  1.00 87.24  ? 12 G   A "O3'" 1 
ATOM   235 C "C2'" . G   A 1 12 ? -9.205  -1.485  0.277   1.00 86.44  ? 12 G   A "C2'" 1 
ATOM   236 O "O2'" . G   A 1 12 ? -10.070 -2.122  1.198   1.00 78.32  ? 12 G   A "O2'" 1 
ATOM   237 C "C1'" . G   A 1 12 ? -8.207  -2.456  -0.357  1.00 90.33  ? 12 G   A "C1'" 1 
ATOM   238 N N9    . G   A 1 12 ? -6.922  -1.784  -0.526  1.00 86.56  ? 12 G   A N9    1 
ATOM   239 C C8    . G   A 1 12 ? -6.315  -1.390  -1.695  1.00 83.02  ? 12 G   A C8    1 
ATOM   240 N N7    . G   A 1 12 ? -5.200  -0.739  -1.494  1.00 82.01  ? 12 G   A N7    1 
ATOM   241 C C5    . G   A 1 12 ? -5.063  -0.717  -0.111  1.00 71.26  ? 12 G   A C5    1 
ATOM   242 C C6    . G   A 1 12 ? -4.066  -0.132  0.707   1.00 70.79  ? 12 G   A C6    1 
ATOM   243 O O6    . G   A 1 12 ? -3.084  0.538   0.373   1.00 71.55  ? 12 G   A O6    1 
ATOM   244 N N1    . G   A 1 12 ? -4.308  -0.375  2.054   1.00 70.89  ? 12 G   A N1    1 
ATOM   245 C C2    . G   A 1 12 ? -5.374  -1.070  2.553   1.00 69.07  ? 12 G   A C2    1 
ATOM   246 N N2    . G   A 1 12 ? -5.417  -1.229  3.885   1.00 73.05  ? 12 G   A N2    1 
ATOM   247 N N3    . G   A 1 12 ? -6.325  -1.585  1.806   1.00 72.92  ? 12 G   A N3    1 
ATOM   248 C C4    . G   A 1 12 ? -6.104  -1.377  0.495   1.00 71.30  ? 12 G   A C4    1 
ATOM   249 P P     . G   A 1 13 ? -11.343 1.244   -0.737  1.00 98.17  ? 13 G   A P     1 
ATOM   250 O OP1   . G   A 1 13 ? -12.808 1.487   -0.817  1.00 111.61 ? 13 G   A OP1   1 
ATOM   251 O OP2   . G   A 1 13 ? -10.457 1.770   -1.813  1.00 100.91 ? 13 G   A OP2   1 
ATOM   252 O "O5'" . G   A 1 13 ? -10.847 1.768   0.688   1.00 81.67  ? 13 G   A "O5'" 1 
ATOM   253 C "C5'" . G   A 1 13 ? -11.598 1.459   1.861   1.00 75.92  ? 13 G   A "C5'" 1 
ATOM   254 C "C4'" . G   A 1 13 ? -10.734 1.527   3.098   1.00 78.72  ? 13 G   A "C4'" 1 
ATOM   255 O "O4'" . G   A 1 13 ? -9.548  0.703   2.935   1.00 82.71  ? 13 G   A "O4'" 1 
ATOM   256 C "C3'" . G   A 1 13 ? -10.167 2.879   3.485   1.00 83.74  ? 13 G   A "C3'" 1 
ATOM   257 O "O3'" . G   A 1 13 ? -11.131 3.684   4.138   1.00 83.24  ? 13 G   A "O3'" 1 
ATOM   258 C "C2'" . G   A 1 13 ? -9.067  2.457   4.443   1.00 88.82  ? 13 G   A "C2'" 1 
ATOM   259 O "O2'" . G   A 1 13 ? -9.531  2.097   5.723   1.00 87.86  ? 13 G   A "O2'" 1 
ATOM   260 C "C1'" . G   A 1 13 ? -8.481  1.258   3.692   1.00 85.48  ? 13 G   A "C1'" 1 
ATOM   261 N N9    . G   A 1 13 ? -7.442  1.719   2.774   1.00 83.74  ? 13 G   A N9    1 
ATOM   262 C C8    . G   A 1 13 ? -7.482  1.761   1.398   1.00 70.73  ? 13 G   A C8    1 
ATOM   263 N N7    . G   A 1 13 ? -6.416  2.302   0.873   1.00 71.30  ? 13 G   A N7    1 
ATOM   264 C C5    . G   A 1 13 ? -5.614  2.614   1.966   1.00 71.14  ? 13 G   A C5    1 
ATOM   265 C C6    . G   A 1 13 ? -4.336  3.227   2.027   1.00 71.70  ? 13 G   A C6    1 
ATOM   266 O O6    . G   A 1 13 ? -3.622  3.623   1.094   1.00 58.03  ? 13 G   A O6    1 
ATOM   267 N N1    . G   A 1 13 ? -3.900  3.369   3.341   1.00 72.05  ? 13 G   A N1    1 
ATOM   268 C C2    . G   A 1 13 ? -4.595  2.972   4.454   1.00 72.81  ? 13 G   A C2    1 
ATOM   269 N N2    . G   A 1 13 ? -4.009  3.212   5.641   1.00 69.46  ? 13 G   A N2    1 
ATOM   270 N N3    . G   A 1 13 ? -5.778  2.391   4.411   1.00 67.91  ? 13 G   A N3    1 
ATOM   271 C C4    . G   A 1 13 ? -6.225  2.250   3.144   1.00 70.80  ? 13 G   A C4    1 
ATOM   272 P P     . G   A 1 14 ? -11.160 5.264   3.856   1.00 94.24  ? 14 G   A P     1 
ATOM   273 O OP1   . G   A 1 14 ? -12.428 5.765   4.445   1.00 97.20  ? 14 G   A OP1   1 
ATOM   274 O OP2   . G   A 1 14 ? -10.864 5.499   2.412   1.00 81.20  ? 14 G   A OP2   1 
ATOM   275 O "O5'" . G   A 1 14 ? -9.963  5.844   4.737   1.00 96.38  ? 14 G   A "O5'" 1 
ATOM   276 C "C5'" . G   A 1 14 ? -9.962  5.661   6.151   1.00 92.90  ? 14 G   A "C5'" 1 
ATOM   277 C "C4'" . G   A 1 14 ? -8.634  6.066   6.737   1.00 88.93  ? 14 G   A "C4'" 1 
ATOM   278 O "O4'" . G   A 1 14 ? -7.575  5.313   6.102   1.00 72.47  ? 14 G   A "O4'" 1 
ATOM   279 C "C3'" . G   A 1 14 ? -8.213  7.505   6.509   1.00 88.26  ? 14 G   A "C3'" 1 
ATOM   280 O "O3'" . G   A 1 14 ? -8.863  8.375   7.420   1.00 84.88  ? 14 G   A "O3'" 1 
ATOM   281 C "C2'" . G   A 1 14 ? -6.711  7.428   6.756   1.00 86.21  ? 14 G   A "C2'" 1 
ATOM   282 O "O2'" . G   A 1 14 ? -6.320  7.479   8.113   1.00 84.52  ? 14 G   A "O2'" 1 
ATOM   283 C "C1'" . G   A 1 14 ? -6.379  6.069   6.138   1.00 80.48  ? 14 G   A "C1'" 1 
ATOM   284 N N9    . G   A 1 14 ? -5.914  6.236   4.771   1.00 80.35  ? 14 G   A N9    1 
ATOM   285 C C8    . G   A 1 14 ? -6.621  6.010   3.616   1.00 80.26  ? 14 G   A C8    1 
ATOM   286 N N7    . G   A 1 14 ? -5.941  6.285   2.538   1.00 70.58  ? 14 G   A N7    1 
ATOM   287 C C5    . G   A 1 14 ? -4.708  6.707   3.012   1.00 73.63  ? 14 G   A C5    1 
ATOM   288 C C6    . G   A 1 14 ? -3.562  7.124   2.316   1.00 69.38  ? 14 G   A C6    1 
ATOM   289 O O6    . G   A 1 14 ? -3.399  7.211   1.097   1.00 73.50  ? 14 G   A O6    1 
ATOM   290 N N1    . G   A 1 14 ? -2.530  7.460   3.184   1.00 67.17  ? 14 G   A N1    1 
ATOM   291 C C2    . G   A 1 14 ? -2.594  7.394   4.553   1.00 73.40  ? 14 G   A C2    1 
ATOM   292 N N2    . G   A 1 14 ? -1.489  7.748   5.217   1.00 79.70  ? 14 G   A N2    1 
ATOM   293 N N3    . G   A 1 14 ? -3.663  7.004   5.219   1.00 73.16  ? 14 G   A N3    1 
ATOM   294 C C4    . G   A 1 14 ? -4.676  6.677   4.389   1.00 77.06  ? 14 G   A C4    1 
ATOM   295 P P     . C   A 1 15 ? -9.402  9.790   6.904   1.00 89.91  ? 15 C   A P     1 
ATOM   296 O OP1   . C   A 1 15 ? -10.136 10.435  8.014   1.00 102.88 ? 15 C   A OP1   1 
ATOM   297 O OP2   . C   A 1 15 ? -10.083 9.572   5.601   1.00 78.26  ? 15 C   A OP2   1 
ATOM   298 O "O5'" . C   A 1 15 ? -8.065  10.620  6.685   1.00 85.76  ? 15 C   A "O5'" 1 
ATOM   299 C "C5'" . C   A 1 15 ? -7.054  10.626  7.680   1.00 72.45  ? 15 C   A "C5'" 1 
ATOM   300 C "C4'" . C   A 1 15 ? -5.756  11.078  7.077   1.00 83.32  ? 15 C   A "C4'" 1 
ATOM   301 O "O4'" . C   A 1 15 ? -5.318  10.088  6.116   1.00 82.41  ? 15 C   A "O4'" 1 
ATOM   302 C "C3'" . C   A 1 15 ? -5.875  12.345  6.249   1.00 88.94  ? 15 C   A "C3'" 1 
ATOM   303 O "O3'" . C   A 1 15 ? -5.787  13.485  7.086   1.00 97.82  ? 15 C   A "O3'" 1 
ATOM   304 C "C2'" . C   A 1 15 ? -4.689  12.236  5.300   1.00 85.86  ? 15 C   A "C2'" 1 
ATOM   305 O "O2'" . C   A 1 15 ? -3.475  12.684  5.851   1.00 84.49  ? 15 C   A "O2'" 1 
ATOM   306 C "C1'" . C   A 1 15 ? -4.627  10.729  5.058   1.00 80.28  ? 15 C   A "C1'" 1 
ATOM   307 N N1    . C   A 1 15 ? -5.235  10.316  3.784   1.00 78.97  ? 15 C   A N1    1 
ATOM   308 C C2    . C   A 1 15 ? -4.521  10.532  2.598   1.00 71.67  ? 15 C   A C2    1 
ATOM   309 O O2    . C   A 1 15 ? -3.411  11.081  2.659   1.00 71.78  ? 15 C   A O2    1 
ATOM   310 N N3    . C   A 1 15 ? -5.057  10.137  1.421   1.00 64.82  ? 15 C   A N3    1 
ATOM   311 C C4    . C   A 1 15 ? -6.251  9.542   1.401   1.00 65.60  ? 15 C   A C4    1 
ATOM   312 N N4    . C   A 1 15 ? -6.724  9.148   0.223   1.00 67.85  ? 15 C   A N4    1 
ATOM   313 C C5    . C   A 1 15 ? -7.007  9.321   2.591   1.00 63.43  ? 15 C   A C5    1 
ATOM   314 C C6    . C   A 1 15 ? -6.468  9.722   3.750   1.00 67.58  ? 15 C   A C6    1 
ATOM   315 P P     . A   A 1 16 ? -6.631  14.804  6.722   1.00 103.96 ? 16 A   A P     1 
ATOM   316 O OP1   . A   A 1 16 ? -6.104  15.376  5.453   1.00 92.22  ? 16 A   A OP1   1 
ATOM   317 O OP2   . A   A 1 16 ? -6.697  15.648  7.951   1.00 102.64 ? 16 A   A OP2   1 
ATOM   318 O "O5'" . A   A 1 16 ? -8.102  14.268  6.446   1.00 91.91  ? 16 A   A "O5'" 1 
ATOM   319 C "C5'" . A   A 1 16 ? -9.203  15.164  6.495   1.00 90.95  ? 16 A   A "C5'" 1 
ATOM   320 C "C4'" . A   A 1 16 ? -10.200 14.823  5.422   1.00 84.74  ? 16 A   A "C4'" 1 
ATOM   321 O "O4'" . A   A 1 16 ? -9.561  14.976  4.126   1.00 83.09  ? 16 A   A "O4'" 1 
ATOM   322 C "C3'" . A   A 1 16 ? -10.731 13.394  5.444   1.00 82.89  ? 16 A   A "C3'" 1 
ATOM   323 O "O3'" . A   A 1 16 ? -12.009 13.409  4.838   1.00 82.35  ? 16 A   A "O3'" 1 
ATOM   324 C "C2'" . A   A 1 16 ? -9.779  12.687  4.492   1.00 84.10  ? 16 A   A "C2'" 1 
ATOM   325 O "O2'" . A   A 1 16 ? -10.317 11.494  3.956   1.00 64.47  ? 16 A   A "O2'" 1 
ATOM   326 C "C1'" . A   A 1 16 ? -9.654  13.757  3.416   1.00 79.73  ? 16 A   A "C1'" 1 
ATOM   327 N N9    . A   A 1 16 ? -8.485  13.639  2.552   1.00 87.06  ? 16 A   A N9    1 
ATOM   328 C C8    . A   A 1 16 ? -7.240  14.203  2.708   1.00 88.09  ? 16 A   A C8    1 
ATOM   329 N N7    . A   A 1 16 ? -6.416  13.943  1.721   1.00 82.23  ? 16 A   A N7    1 
ATOM   330 C C5    . A   A 1 16 ? -7.164  13.144  0.866   1.00 82.26  ? 16 A   A C5    1 
ATOM   331 C C6    . A   A 1 16 ? -6.868  12.541  -0.360  1.00 80.92  ? 16 A   A C6    1 
ATOM   332 N N6    . A   A 1 16 ? -5.687  12.640  -0.967  1.00 88.71  ? 16 A   A N6    1 
ATOM   333 N N1    . A   A 1 16 ? -7.838  11.815  -0.954  1.00 85.95  ? 16 A   A N1    1 
ATOM   334 C C2    . A   A 1 16 ? -9.025  11.701  -0.340  1.00 90.08  ? 16 A   A C2    1 
ATOM   335 N N3    . A   A 1 16 ? -9.423  12.216  0.814   1.00 86.45  ? 16 A   A N3    1 
ATOM   336 C C4    . A   A 1 16 ? -8.436  12.940  1.373   1.00 84.82  ? 16 A   A C4    1 
ATOM   337 P P     . A   A 1 17 ? -13.304 13.045  5.706   1.00 98.11  ? 17 A   A P     1 
ATOM   338 O OP1   . A   A 1 17 ? -12.885 12.117  6.794   1.00 83.80  ? 17 A   A OP1   1 
ATOM   339 O OP2   . A   A 1 17 ? -14.358 12.631  4.741   1.00 100.05 ? 17 A   A OP2   1 
ATOM   340 O "O5'" . A   A 1 17 ? -13.738 14.432  6.366   1.00 95.20  ? 17 A   A "O5'" 1 
ATOM   341 C "C5'" . A   A 1 17 ? -13.851 15.629  5.586   1.00 92.24  ? 17 A   A "C5'" 1 
ATOM   342 C "C4'" . A   A 1 17 ? -15.282 16.111  5.592   1.00 84.92  ? 17 A   A "C4'" 1 
ATOM   343 O "O4'" . A   A 1 17 ? -15.830 15.932  6.922   1.00 93.88  ? 17 A   A "O4'" 1 
ATOM   344 C "C3'" . A   A 1 17 ? -15.484 17.584  5.269   1.00 91.06  ? 17 A   A "C3'" 1 
ATOM   345 O "O3'" . A   A 1 17 ? -15.668 17.775  3.875   1.00 83.27  ? 17 A   A "O3'" 1 
ATOM   346 C "C2'" . A   A 1 17 ? -16.768 17.936  6.018   1.00 92.63  ? 17 A   A "C2'" 1 
ATOM   347 O "O2'" . A   A 1 17 ? -17.928 17.701  5.251   1.00 110.84 ? 17 A   A "O2'" 1 
ATOM   348 C "C1'" . A   A 1 17 ? -16.722 16.991  7.223   1.00 94.01  ? 17 A   A "C1'" 1 
ATOM   349 N N9    . A   A 1 17 ? -16.282 17.623  8.469   1.00 87.32  ? 17 A   A N9    1 
ATOM   350 C C8    . A   A 1 17 ? -16.870 17.541  9.710   1.00 82.23  ? 17 A   A C8    1 
ATOM   351 N N7    . A   A 1 17 ? -16.230 18.206  10.644  1.00 72.87  ? 17 A   A N7    1 
ATOM   352 C C5    . A   A 1 17 ? -15.152 18.764  9.974   1.00 80.91  ? 17 A   A C5    1 
ATOM   353 C C6    . A   A 1 17 ? -14.092 19.586  10.402  1.00 87.28  ? 17 A   A C6    1 
ATOM   354 N N6    . A   A 1 17 ? -13.925 19.995  11.662  1.00 82.92  ? 17 A   A N6    1 
ATOM   355 N N1    . A   A 1 17 ? -13.190 19.978  9.473   1.00 89.79  ? 17 A   A N1    1 
ATOM   356 C C2    . A   A 1 17 ? -13.344 19.560  8.208   1.00 93.89  ? 17 A   A C2    1 
ATOM   357 N N3    . A   A 1 17 ? -14.289 18.783  7.688   1.00 94.44  ? 17 A   A N3    1 
ATOM   358 C C4    . A   A 1 17 ? -15.174 18.417  8.633   1.00 84.91  ? 17 A   A C4    1 
ATOM   359 P P     . G   A 1 18 ? -14.909 18.980  3.129   1.00 84.01  ? 18 G   A P     1 
ATOM   360 O OP1   . G   A 1 18 ? -15.166 20.251  3.853   1.00 95.91  ? 18 G   A OP1   1 
ATOM   361 O OP2   . G   A 1 18 ? -15.213 18.893  1.681   1.00 89.39  ? 18 G   A OP2   1 
ATOM   362 O "O5'" . G   A 1 18 ? -13.375 18.632  3.355   1.00 93.62  ? 18 G   A "O5'" 1 
ATOM   363 C "C5'" . G   A 1 18 ? -12.692 19.112  4.503   1.00 82.98  ? 18 G   A "C5'" 1 
ATOM   364 C "C4'" . G   A 1 18 ? -11.222 19.173  4.222   1.00 77.67  ? 18 G   A "C4'" 1 
ATOM   365 O "O4'" . G   A 1 18 ? -10.698 17.819  4.181   1.00 78.48  ? 18 G   A "O4'" 1 
ATOM   366 C "C3'" . G   A 1 18 ? -10.882 19.767  2.867   1.00 73.67  ? 18 G   A "C3'" 1 
ATOM   367 O "O3'" . G   A 1 18 ? -10.757 21.177  2.943   1.00 71.16  ? 18 G   A "O3'" 1 
ATOM   368 C "C2'" . G   A 1 18 ? -9.554  19.093  2.550   1.00 84.39  ? 18 G   A "C2'" 1 
ATOM   369 O "O2'" . G   A 1 18 ? -8.452  19.665  3.224   1.00 75.68  ? 18 G   A "O2'" 1 
ATOM   370 C "C1'" . G   A 1 18 ? -9.814  17.685  3.083   1.00 85.80  ? 18 G   A "C1'" 1 
ATOM   371 N N9    . G   A 1 18 ? -10.440 16.814  2.092   1.00 84.59  ? 18 G   A N9    1 
ATOM   372 C C8    . G   A 1 18 ? -11.684 16.226  2.156   1.00 79.33  ? 18 G   A C8    1 
ATOM   373 N N7    . G   A 1 18 ? -11.947 15.473  1.121   1.00 74.50  ? 18 G   A N7    1 
ATOM   374 C C5    . G   A 1 18 ? -10.812 15.575  0.323   1.00 76.17  ? 18 G   A C5    1 
ATOM   375 C C6    . G   A 1 18 ? -10.500 14.972  -0.934  1.00 73.73  ? 18 G   A C6    1 
ATOM   376 O O6    . G   A 1 18 ? -11.182 14.202  -1.614  1.00 79.58  ? 18 G   A O6    1 
ATOM   377 N N1    . G   A 1 18 ? -9.242  15.354  -1.383  1.00 69.57  ? 18 G   A N1    1 
ATOM   378 C C2    . G   A 1 18 ? -8.395  16.207  -0.722  1.00 68.53  ? 18 G   A C2    1 
ATOM   379 N N2    . G   A 1 18 ? -7.241  16.471  -1.332  1.00 62.45  ? 18 G   A N2    1 
ATOM   380 N N3    . G   A 1 18 ? -8.666  16.765  0.445   1.00 57.64  ? 18 G   A N3    1 
ATOM   381 C C4    . G   A 1 18 ? -9.879  16.408  0.905   1.00 72.25  ? 18 G   A C4    1 
ATOM   382 P P     . U   A 1 19 ? -10.963 22.065  1.617   1.00 78.36  ? 19 U   A P     1 
ATOM   383 O OP1   . U   A 1 19 ? -10.744 23.485  1.973   1.00 72.49  ? 19 U   A OP1   1 
ATOM   384 O OP2   . U   A 1 19 ? -12.239 21.656  0.967   1.00 62.16  ? 19 U   A OP2   1 
ATOM   385 O "O5'" . U   A 1 19 ? -9.741  21.638  0.688   1.00 85.80  ? 19 U   A "O5'" 1 
ATOM   386 C "C5'" . U   A 1 19 ? -8.404  21.964  1.057   1.00 78.64  ? 19 U   A "C5'" 1 
ATOM   387 C "C4'" . U   A 1 19 ? -7.492  21.833  -0.133  1.00 74.90  ? 19 U   A "C4'" 1 
ATOM   388 O "O4'" . U   A 1 19 ? -7.300  20.438  -0.460  1.00 73.35  ? 19 U   A "O4'" 1 
ATOM   389 C "C3'" . U   A 1 19 ? -8.017  22.460  -1.407  1.00 75.66  ? 19 U   A "C3'" 1 
ATOM   390 O "O3'" . U   A 1 19 ? -7.672  23.830  -1.453  1.00 75.19  ? 19 U   A "O3'" 1 
ATOM   391 C "C2'" . U   A 1 19 ? -7.278  21.671  -2.476  1.00 78.74  ? 19 U   A "C2'" 1 
ATOM   392 O "O2'" . U   A 1 19 ? -5.949  22.112  -2.664  1.00 80.36  ? 19 U   A "O2'" 1 
ATOM   393 C "C1'" . U   A 1 19 ? -7.283  20.274  -1.864  1.00 71.80  ? 19 U   A "C1'" 1 
ATOM   394 N N1    . U   A 1 19 ? -8.437  19.447  -2.244  1.00 78.39  ? 19 U   A N1    1 
ATOM   395 C C2    . U   A 1 19 ? -8.397  18.831  -3.476  1.00 70.78  ? 19 U   A C2    1 
ATOM   396 O O2    . U   A 1 19 ? -7.488  19.008  -4.267  1.00 80.17  ? 19 U   A O2    1 
ATOM   397 N N3    . U   A 1 19 ? -9.459  18.013  -3.753  1.00 67.78  ? 19 U   A N3    1 
ATOM   398 C C4    . U   A 1 19 ? -10.554 17.773  -2.952  1.00 79.01  ? 19 U   A C4    1 
ATOM   399 O O4    . U   A 1 19 ? -11.416 16.971  -3.327  1.00 75.42  ? 19 U   A O4    1 
ATOM   400 C C5    . U   A 1 19 ? -10.549 18.484  -1.708  1.00 75.47  ? 19 U   A C5    1 
ATOM   401 C C6    . U   A 1 19 ? -9.515  19.273  -1.403  1.00 74.87  ? 19 U   A C6    1 
ATOM   402 P P     . C   A 1 20 ? -8.752  24.884  -1.958  1.00 73.28  ? 20 C   A P     1 
ATOM   403 O OP1   . C   A 1 20 ? -8.260  26.250  -1.644  1.00 75.40  ? 20 C   A OP1   1 
ATOM   404 O OP2   . C   A 1 20 ? -10.063 24.420  -1.428  1.00 75.47  ? 20 C   A OP2   1 
ATOM   405 O "O5'" . C   A 1 20 ? -8.706  24.717  -3.537  1.00 74.97  ? 20 C   A "O5'" 1 
ATOM   406 C "C5'" . C   A 1 20 ? -7.481  24.903  -4.236  1.00 76.92  ? 20 C   A "C5'" 1 
ATOM   407 C "C4'" . C   A 1 20 ? -7.527  24.209  -5.572  1.00 66.90  ? 20 C   A "C4'" 1 
ATOM   408 O "O4'" . C   A 1 20 ? -7.529  22.767  -5.400  1.00 70.09  ? 20 C   A "O4'" 1 
ATOM   409 C "C3'" . C   A 1 20 ? -8.759  24.467  -6.412  1.00 52.38  ? 20 C   A "C3'" 1 
ATOM   410 O "O3'" . C   A 1 20 ? -8.642  25.701  -7.082  1.00 62.24  ? 20 C   A "O3'" 1 
ATOM   411 C "C2'" . C   A 1 20 ? -8.680  23.306  -7.382  1.00 69.79  ? 20 C   A "C2'" 1 
ATOM   412 O "O2'" . C   A 1 20 ? -7.650  23.499  -8.325  1.00 79.58  ? 20 C   A "O2'" 1 
ATOM   413 C "C1'" . C   A 1 20 ? -8.285  22.173  -6.439  1.00 62.37  ? 20 C   A "C1'" 1 
ATOM   414 N N1    . C   A 1 20 ? -9.449  21.504  -5.845  1.00 74.56  ? 20 C   A N1    1 
ATOM   415 C C2    . C   A 1 20 ? -9.995  20.426  -6.519  1.00 76.56  ? 20 C   A C2    1 
ATOM   416 O O2    . C   A 1 20 ? -9.491  20.089  -7.596  1.00 73.63  ? 20 C   A O2    1 
ATOM   417 N N3    . C   A 1 20 ? -11.058 19.779  -5.987  1.00 74.41  ? 20 C   A N3    1 
ATOM   418 C C4    . C   A 1 20 ? -11.575 20.183  -4.826  1.00 60.55  ? 20 C   A C4    1 
ATOM   419 N N4    . C   A 1 20 ? -12.603 19.496  -4.339  1.00 48.60  ? 20 C   A N4    1 
ATOM   420 C C5    . C   A 1 20 ? -11.050 21.299  -4.119  1.00 50.78  ? 20 C   A C5    1 
ATOM   421 C C6    . C   A 1 20 ? -9.991  21.922  -4.656  1.00 70.80  ? 20 C   A C6    1 
ATOM   422 P P     . G   A 1 21 ? -9.962  26.459  -7.584  1.00 81.61  ? 21 G   A P     1 
ATOM   423 O OP1   . G   A 1 21 ? -9.561  27.767  -8.167  1.00 80.40  ? 21 G   A OP1   1 
ATOM   424 O OP2   . G   A 1 21 ? -10.977 26.417  -6.500  1.00 82.69  ? 21 G   A OP2   1 
ATOM   425 O "O5'" . G   A 1 21 ? -10.491 25.547  -8.777  1.00 86.29  ? 21 G   A "O5'" 1 
ATOM   426 C "C5'" . G   A 1 21 ? -9.668  25.266  -9.901  1.00 61.28  ? 21 G   A "C5'" 1 
ATOM   427 C "C4'" . G   A 1 21 ? -10.415 24.399  -10.874 1.00 69.51  ? 21 G   A "C4'" 1 
ATOM   428 O "O4'" . G   A 1 21 ? -10.531 23.046  -10.360 1.00 61.21  ? 21 G   A "O4'" 1 
ATOM   429 C "C3'" . G   A 1 21 ? -11.845 24.830  -11.143 1.00 65.27  ? 21 G   A "C3'" 1 
ATOM   430 O "O3'" . G   A 1 21 ? -11.881 25.833  -12.147 1.00 63.43  ? 21 G   A "O3'" 1 
ATOM   431 C "C2'" . G   A 1 21 ? -12.456 23.538  -11.663 1.00 66.63  ? 21 G   A "C2'" 1 
ATOM   432 O "O2'" . G   A 1 21 ? -12.147 23.336  -13.022 1.00 79.27  ? 21 G   A "O2'" 1 
ATOM   433 C "C1'" . G   A 1 21 ? -11.747 22.486  -10.806 1.00 65.45  ? 21 G   A "C1'" 1 
ATOM   434 N N9    . G   A 1 21 ? -12.525 22.089  -9.641  1.00 67.01  ? 21 G   A N9    1 
ATOM   435 C C8    . G   A 1 21 ? -12.391 22.542  -8.353  1.00 71.89  ? 21 G   A C8    1 
ATOM   436 N N7    . G   A 1 21 ? -13.224 21.977  -7.522  1.00 74.61  ? 21 G   A N7    1 
ATOM   437 C C5    . G   A 1 21 ? -13.953 21.104  -8.313  1.00 65.34  ? 21 G   A C5    1 
ATOM   438 C C6    . G   A 1 21 ? -14.991 20.210  -7.972  1.00 66.24  ? 21 G   A C6    1 
ATOM   439 O O6    . G   A 1 21 ? -15.492 20.004  -6.860  1.00 61.14  ? 21 G   A O6    1 
ATOM   440 N N1    . G   A 1 21 ? -15.442 19.505  -9.086  1.00 64.24  ? 21 G   A N1    1 
ATOM   441 C C2    . G   A 1 21 ? -14.950 19.648  -10.365 1.00 62.25  ? 21 G   A C2    1 
ATOM   442 N N2    . G   A 1 21 ? -15.482 18.861  -11.303 1.00 50.76  ? 21 G   A N2    1 
ATOM   443 N N3    . G   A 1 21 ? -13.994 20.489  -10.693 1.00 59.18  ? 21 G   A N3    1 
ATOM   444 C C4    . G   A 1 21 ? -13.540 21.173  -9.626  1.00 67.75  ? 21 G   A C4    1 
ATOM   445 P P     . C   A 1 22 ? -13.013 26.976  -12.093 1.00 76.26  ? 22 C   A P     1 
ATOM   446 O OP1   . C   A 1 22 ? -12.682 27.971  -13.135 1.00 87.74  ? 22 C   A OP1   1 
ATOM   447 O OP2   . C   A 1 22 ? -13.196 27.408  -10.690 1.00 76.82  ? 22 C   A OP2   1 
ATOM   448 O "O5'" . C   A 1 22 ? -14.359 26.255  -12.538 1.00 79.13  ? 22 C   A "O5'" 1 
ATOM   449 C "C5'" . C   A 1 22 ? -14.565 25.855  -13.885 1.00 62.26  ? 22 C   A "C5'" 1 
ATOM   450 C "C4'" . C   A 1 22 ? -15.754 24.937  -13.968 1.00 61.90  ? 22 C   A "C4'" 1 
ATOM   451 O "O4'" . C   A 1 22 ? -15.547 23.810  -13.079 1.00 60.58  ? 22 C   A "O4'" 1 
ATOM   452 C "C3'" . C   A 1 22 ? -17.068 25.502  -13.461 1.00 61.08  ? 22 C   A "C3'" 1 
ATOM   453 O "O3'" . C   A 1 22 ? -17.701 26.429  -14.339 1.00 76.89  ? 22 C   A "O3'" 1 
ATOM   454 C "C2'" . C   A 1 22 ? -17.873 24.235  -13.267 1.00 60.40  ? 22 C   A "C2'" 1 
ATOM   455 O "O2'" . C   A 1 22 ? -18.285 23.721  -14.516 1.00 66.73  ? 22 C   A "O2'" 1 
ATOM   456 C "C1'" . C   A 1 22 ? -16.808 23.299  -12.691 1.00 59.84  ? 22 C   A "C1'" 1 
ATOM   457 N N1    . C   A 1 22 ? -16.847 23.177  -11.230 1.00 55.92  ? 22 C   A N1    1 
ATOM   458 C C2    . C   A 1 22 ? -17.766 22.304  -10.683 1.00 56.37  ? 22 C   A C2    1 
ATOM   459 O O2    . C   A 1 22 ? -18.531 21.703  -11.442 1.00 59.78  ? 22 C   A O2    1 
ATOM   460 N N3    . C   A 1 22 ? -17.818 22.141  -9.344  1.00 57.24  ? 22 C   A N3    1 
ATOM   461 C C4    . C   A 1 22 ? -17.010 22.844  -8.557  1.00 52.81  ? 22 C   A C4    1 
ATOM   462 N N4    . C   A 1 22 ? -17.133 22.672  -7.243  1.00 48.94  ? 22 C   A N4    1 
ATOM   463 C C5    . C   A 1 22 ? -16.051 23.758  -9.085  1.00 55.03  ? 22 C   A C5    1 
ATOM   464 C C6    . C   A 1 22 ? -16.005 23.892  -10.420 1.00 65.28  ? 22 C   A C6    1 
ATOM   465 O "O5'" . G   B 2 1  ? -23.559 14.873  -3.392  1.00 104.93 ? 1  G   B "O5'" 1 
ATOM   466 C "C5'" . G   B 2 1  ? -24.615 14.877  -4.386  1.00 99.65  ? 1  G   B "C5'" 1 
ATOM   467 C "C4'" . G   B 2 1  ? -24.211 15.145  -5.832  1.00 99.41  ? 1  G   B "C4'" 1 
ATOM   468 O "O4'" . G   B 2 1  ? -24.048 16.566  -6.087  1.00 94.66  ? 1  G   B "O4'" 1 
ATOM   469 C "C3'" . G   B 2 1  ? -22.929 14.511  -6.360  1.00 94.89  ? 1  G   B "C3'" 1 
ATOM   470 O "O3'" . G   B 2 1  ? -23.193 13.201  -6.831  1.00 92.17  ? 1  G   B "O3'" 1 
ATOM   471 C "C2'" . G   B 2 1  ? -22.629 15.369  -7.578  1.00 91.36  ? 1  G   B "C2'" 1 
ATOM   472 O "O2'" . G   B 2 1  ? -23.399 14.920  -8.678  1.00 90.60  ? 1  G   B "O2'" 1 
ATOM   473 C "C1'" . G   B 2 1  ? -23.097 16.754  -7.120  1.00 82.04  ? 1  G   B "C1'" 1 
ATOM   474 N N9    . G   B 2 1  ? -22.054 17.646  -6.617  1.00 78.08  ? 1  G   B N9    1 
ATOM   475 C C8    . G   B 2 1  ? -21.717 17.863  -5.302  1.00 70.17  ? 1  G   B C8    1 
ATOM   476 N N7    . G   B 2 1  ? -20.799 18.782  -5.153  1.00 74.03  ? 1  G   B N7    1 
ATOM   477 C C5    . G   B 2 1  ? -20.502 19.190  -6.447  1.00 61.51  ? 1  G   B C5    1 
ATOM   478 C C6    . G   B 2 1  ? -19.602 20.181  -6.917  1.00 58.11  ? 1  G   B C6    1 
ATOM   479 O O6    . G   B 2 1  ? -18.897 20.962  -6.265  1.00 55.93  ? 1  G   B O6    1 
ATOM   480 N N1    . G   B 2 1  ? -19.591 20.240  -8.304  1.00 62.46  ? 1  G   B N1    1 
ATOM   481 C C2    . G   B 2 1  ? -20.370 19.478  -9.132  1.00 58.86  ? 1  G   B C2    1 
ATOM   482 N N2    . G   B 2 1  ? -20.233 19.704  -10.436 1.00 50.54  ? 1  G   B N2    1 
ATOM   483 N N3    . G   B 2 1  ? -21.229 18.569  -8.710  1.00 58.77  ? 1  G   B N3    1 
ATOM   484 C C4    . G   B 2 1  ? -21.244 18.478  -7.366  1.00 67.73  ? 1  G   B C4    1 
ATOM   485 P P     . C   B 2 2  ? -21.974 12.239  -7.227  1.00 107.18 ? 2  C   B P     1 
ATOM   486 O OP1   . C   B 2 2  ? -22.574 10.994  -7.772  1.00 112.16 ? 2  C   B OP1   1 
ATOM   487 O OP2   . C   B 2 2  ? -21.005 12.165  -6.101  1.00 92.32  ? 2  C   B OP2   1 
ATOM   488 O "O5'" . C   B 2 2  ? -21.252 12.981  -8.435  1.00 107.81 ? 2  C   B "O5'" 1 
ATOM   489 C "C5'" . C   B 2 2  ? -21.549 12.647  -9.784  1.00 81.43  ? 2  C   B "C5'" 1 
ATOM   490 C "C4'" . C   B 2 2  ? -20.575 13.331  -10.709 1.00 67.04  ? 2  C   B "C4'" 1 
ATOM   491 O "O4'" . C   B 2 2  ? -20.655 14.776  -10.512 1.00 55.06  ? 2  C   B "O4'" 1 
ATOM   492 C "C3'" . C   B 2 2  ? -19.092 13.035  -10.520 1.00 60.85  ? 2  C   B "C3'" 1 
ATOM   493 O "O3'" . C   B 2 2  ? -18.699 11.825  -11.179 1.00 66.46  ? 2  C   B "O3'" 1 
ATOM   494 C "C2'" . C   B 2 2  ? -18.501 14.203  -11.283 1.00 60.34  ? 2  C   B "C2'" 1 
ATOM   495 O "O2'" . C   B 2 2  ? -18.748 13.992  -12.647 1.00 43.63  ? 2  C   B "O2'" 1 
ATOM   496 C "C1'" . C   B 2 2  ? -19.398 15.354  -10.813 1.00 64.27  ? 2  C   B "C1'" 1 
ATOM   497 N N1    . C   B 2 2  ? -18.873 16.039  -9.612  1.00 58.78  ? 2  C   B N1    1 
ATOM   498 C C2    . C   B 2 2  ? -17.964 17.090  -9.787  1.00 53.37  ? 2  C   B C2    1 
ATOM   499 O O2    . C   B 2 2  ? -17.663 17.435  -10.935 1.00 50.76  ? 2  C   B O2    1 
ATOM   500 N N3    . C   B 2 2  ? -17.439 17.702  -8.707  1.00 49.35  ? 2  C   B N3    1 
ATOM   501 C C4    . C   B 2 2  ? -17.787 17.304  -7.484  1.00 56.43  ? 2  C   B C4    1 
ATOM   502 N N4    . C   B 2 2  ? -17.217 17.914  -6.447  1.00 48.13  ? 2  C   B N4    1 
ATOM   503 C C5    . C   B 2 2  ? -18.730 16.255  -7.272  1.00 53.69  ? 2  C   B C5    1 
ATOM   504 C C6    . C   B 2 2  ? -19.241 15.655  -8.354  1.00 49.42  ? 2  C   B C6    1 
ATOM   505 P P     . G   B 2 3  ? -17.316 11.081  -10.770 1.00 69.70  ? 3  G   B P     1 
ATOM   506 O OP1   . G   B 2 3  ? -17.159 9.938   -11.715 1.00 72.01  ? 3  G   B OP1   1 
ATOM   507 O OP2   . G   B 2 3  ? -17.307 10.825  -9.310  1.00 61.71  ? 3  G   B OP2   1 
ATOM   508 O "O5'" . G   B 2 3  ? -16.159 12.120  -11.124 1.00 64.49  ? 3  G   B "O5'" 1 
ATOM   509 C "C5'" . G   B 2 3  ? -15.696 12.223  -12.462 1.00 63.77  ? 3  G   B "C5'" 1 
ATOM   510 C "C4'" . G   B 2 3  ? -14.662 13.302  -12.589 1.00 62.37  ? 3  G   B "C4'" 1 
ATOM   511 O "O4'" . G   B 2 3  ? -15.212 14.551  -12.100 1.00 70.21  ? 3  G   B "O4'" 1 
ATOM   512 C "C3'" . G   B 2 3  ? -13.381 13.151  -11.793 1.00 54.41  ? 3  G   B "C3'" 1 
ATOM   513 O "O3'" . G   B 2 3  ? -12.471 12.263  -12.424 1.00 60.04  ? 3  G   B "O3'" 1 
ATOM   514 C "C2'" . G   B 2 3  ? -12.862 14.580  -11.833 1.00 63.83  ? 3  G   B "C2'" 1 
ATOM   515 O "O2'" . G   B 2 3  ? -12.302 14.946  -13.079 1.00 61.66  ? 3  G   B "O2'" 1 
ATOM   516 C "C1'" . G   B 2 3  ? -14.159 15.357  -11.599 1.00 62.52  ? 3  G   B "C1'" 1 
ATOM   517 N N9    . G   B 2 3  ? -14.374 15.579  -10.176 1.00 63.35  ? 3  G   B N9    1 
ATOM   518 C C8    . G   B 2 3  ? -15.261 14.945  -9.336  1.00 58.53  ? 3  G   B C8    1 
ATOM   519 N N7    . G   B 2 3  ? -15.174 15.360  -8.098  1.00 62.23  ? 3  G   B N7    1 
ATOM   520 C C5    . G   B 2 3  ? -14.176 16.326  -8.133  1.00 60.51  ? 3  G   B C5    1 
ATOM   521 C C6    . G   B 2 3  ? -13.631 17.131  -7.101  1.00 56.72  ? 3  G   B C6    1 
ATOM   522 O O6    . G   B 2 3  ? -13.912 17.145  -5.899  1.00 66.09  ? 3  G   B O6    1 
ATOM   523 N N1    . G   B 2 3  ? -12.653 17.985  -7.589  1.00 62.72  ? 3  G   B N1    1 
ATOM   524 C C2    . G   B 2 3  ? -12.236 18.049  -8.894  1.00 60.11  ? 3  G   B C2    1 
ATOM   525 N N2    . G   B 2 3  ? -11.280 18.936  -9.175  1.00 45.15  ? 3  G   B N2    1 
ATOM   526 N N3    . G   B 2 3  ? -12.726 17.302  -9.855  1.00 62.30  ? 3  G   B N3    1 
ATOM   527 C C4    . G   B 2 3  ? -13.684 16.473  -9.410  1.00 59.41  ? 3  G   B C4    1 
ATOM   528 P P     . U   B 2 4  ? -11.527 11.311  -11.527 1.00 68.72  ? 4  U   B P     1 
ATOM   529 O OP1   . U   B 2 4  ? -10.771 10.430  -12.449 1.00 76.94  ? 4  U   B OP1   1 
ATOM   530 O OP2   . U   B 2 4  ? -12.354 10.690  -10.453 1.00 61.04  ? 4  U   B OP2   1 
ATOM   531 O "O5'" . U   B 2 4  ? -10.471 12.333  -10.911 1.00 60.88  ? 4  U   B "O5'" 1 
ATOM   532 C "C5'" . U   B 2 4  ? -9.645  13.095  -11.781 1.00 68.04  ? 4  U   B "C5'" 1 
ATOM   533 C "C4'" . U   B 2 4  ? -8.886  14.158  -11.018 1.00 87.85  ? 4  U   B "C4'" 1 
ATOM   534 O "O4'" . U   B 2 4  ? -9.807  15.096  -10.399 1.00 89.88  ? 4  U   B "O4'" 1 
ATOM   535 C "C3'" . U   B 2 4  ? -7.995  13.691  -9.877  1.00 85.19  ? 4  U   B "C3'" 1 
ATOM   536 O "O3'" . U   B 2 4  ? -6.730  13.277  -10.397 1.00 82.19  ? 4  U   B "O3'" 1 
ATOM   537 C "C2'" . U   B 2 4  ? -7.846  14.977  -9.066  1.00 84.93  ? 4  U   B "C2'" 1 
ATOM   538 O "O2'" . U   B 2 4  ? -6.892  15.871  -9.610  1.00 77.85  ? 4  U   B "O2'" 1 
ATOM   539 C "C1'" . U   B 2 4  ? -9.245  15.588  -9.193  1.00 81.62  ? 4  U   B "C1'" 1 
ATOM   540 N N1    . U   B 2 4  ? -10.142 15.226  -8.086  1.00 73.79  ? 4  U   B N1    1 
ATOM   541 C C2    . U   B 2 4  ? -9.993  15.896  -6.877  1.00 64.61  ? 4  U   B C2    1 
ATOM   542 O O2    . U   B 2 4  ? -9.169  16.783  -6.701  1.00 64.71  ? 4  U   B O2    1 
ATOM   543 N N3    . U   B 2 4  ? -10.851 15.495  -5.884  1.00 55.83  ? 4  U   B N3    1 
ATOM   544 C C4    . U   B 2 4  ? -11.830 14.531  -5.976  1.00 64.26  ? 4  U   B C4    1 
ATOM   545 O O4    . U   B 2 4  ? -12.550 14.309  -5.002  1.00 72.42  ? 4  U   B O4    1 
ATOM   546 C C5    . U   B 2 4  ? -11.927 13.891  -7.255  1.00 66.42  ? 4  U   B C5    1 
ATOM   547 C C6    . U   B 2 4  ? -11.098 14.250  -8.241  1.00 69.35  ? 4  U   B C6    1 
ATOM   548 P P     . C   B 2 5  ? -6.060  11.905  -9.882  1.00 86.34  ? 5  C   B P     1 
ATOM   549 O OP1   . C   B 2 5  ? -5.217  11.438  -11.014 1.00 92.32  ? 5  C   B OP1   1 
ATOM   550 O OP2   . C   B 2 5  ? -7.112  11.015  -9.329  1.00 53.52  ? 5  C   B OP2   1 
ATOM   551 O "O5'" . C   B 2 5  ? -5.099  12.350  -8.686  1.00 91.76  ? 5  C   B "O5'" 1 
ATOM   552 C "C5'" . C   B 2 5  ? -3.940  13.148  -8.940  1.00 96.80  ? 5  C   B "C5'" 1 
ATOM   553 C "C4'" . C   B 2 5  ? -3.518  13.886  -7.689  1.00 100.62 ? 5  C   B "C4'" 1 
ATOM   554 O "O4'" . C   B 2 5  ? -4.561  14.820  -7.297  1.00 100.13 ? 5  C   B "O4'" 1 
ATOM   555 C "C3'" . C   B 2 5  ? -3.315  13.032  -6.447  1.00 102.88 ? 5  C   B "C3'" 1 
ATOM   556 O "O3'" . C   B 2 5  ? -2.011  12.467  -6.431  1.00 107.64 ? 5  C   B "O3'" 1 
ATOM   557 C "C2'" . C   B 2 5  ? -3.476  14.049  -5.331  1.00 95.76  ? 5  C   B "C2'" 1 
ATOM   558 O "O2'" . C   B 2 5  ? -2.321  14.838  -5.188  1.00 101.94 ? 5  C   B "O2'" 1 
ATOM   559 C "C1'" . C   B 2 5  ? -4.612  14.908  -5.881  1.00 95.62  ? 5  C   B "C1'" 1 
ATOM   560 N N1    . C   B 2 5  ? -5.924  14.435  -5.426  1.00 89.02  ? 5  C   B N1    1 
ATOM   561 C C2    . C   B 2 5  ? -6.400  14.899  -4.206  1.00 78.82  ? 5  C   B C2    1 
ATOM   562 O O2    . C   B 2 5  ? -5.692  15.680  -3.554  1.00 87.67  ? 5  C   B O2    1 
ATOM   563 N N3    . C   B 2 5  ? -7.612  14.484  -3.767  1.00 73.50  ? 5  C   B N3    1 
ATOM   564 C C4    . C   B 2 5  ? -8.334  13.629  -4.501  1.00 69.71  ? 5  C   B C4    1 
ATOM   565 N N4    . C   B 2 5  ? -9.524  13.244  -4.028  1.00 56.86  ? 5  C   B N4    1 
ATOM   566 C C5    . C   B 2 5  ? -7.867  13.133  -5.751  1.00 60.82  ? 5  C   B C5    1 
ATOM   567 C C6    . C   B 2 5  ? -6.666  13.561  -6.174  1.00 77.17  ? 5  C   B C6    1 
ATOM   568 P P     . A   B 2 6  ? -1.847  10.879  -6.261  1.00 107.76 ? 6  A   B P     1 
ATOM   569 O OP1   . A   B 2 6  ? -2.181  10.265  -7.571  1.00 118.36 ? 6  A   B OP1   1 
ATOM   570 O OP2   . A   B 2 6  ? -2.593  10.468  -5.037  1.00 100.82 ? 6  A   B OP2   1 
ATOM   571 O "O5'" . A   B 2 6  ? -0.290  10.664  -6.033  1.00 112.83 ? 6  A   B "O5'" 1 
ATOM   572 C "C5'" . A   B 2 6  ? 0.653   11.565  -6.590  1.00 113.72 ? 6  A   B "C5'" 1 
ATOM   573 C "C4'" . A   B 2 6  ? 1.525   12.119  -5.495  1.00 117.81 ? 6  A   B "C4'" 1 
ATOM   574 O "O4'" . A   B 2 6  ? 0.756   12.961  -4.595  1.00 116.11 ? 6  A   B "O4'" 1 
ATOM   575 C "C3'" . A   B 2 6  ? 2.053   11.106  -4.499  1.00 116.58 ? 6  A   B "C3'" 1 
ATOM   576 O "O3'" . A   B 2 6  ? 3.019   10.213  -5.027  1.00 103.51 ? 6  A   B "O3'" 1 
ATOM   577 C "C2'" . A   B 2 6  ? 2.563   12.013  -3.381  1.00 118.95 ? 6  A   B "C2'" 1 
ATOM   578 O "O2'" . A   B 2 6  ? 3.837   12.566  -3.651  1.00 110.61 ? 6  A   B "O2'" 1 
ATOM   579 C "C1'" . A   B 2 6  ? 1.510   13.128  -3.401  1.00 123.66 ? 6  A   B "C1'" 1 
ATOM   580 N N9    . A   B 2 6  ? 0.602   13.178  -2.252  1.00 129.62 ? 6  A   B N9    1 
ATOM   581 C C8    . A   B 2 6  ? -0.662  12.638  -2.111  1.00 131.41 ? 6  A   B C8    1 
ATOM   582 N N7    . A   B 2 6  ? -1.223  12.898  -0.949  1.00 129.41 ? 6  A   B N7    1 
ATOM   583 C C5    . A   B 2 6  ? -0.268  13.660  -0.280  1.00 126.86 ? 6  A   B C5    1 
ATOM   584 C C6    . A   B 2 6  ? -0.254  14.257  1.000   1.00 125.10 ? 6  A   B C6    1 
ATOM   585 N N6    . A   B 2 6  ? -1.279  14.196  1.861   1.00 125.34 ? 6  A   B N6    1 
ATOM   586 N N1    . A   B 2 6  ? 0.864   14.930  1.369   1.00 118.82 ? 6  A   B N1    1 
ATOM   587 C C2    . A   B 2 6  ? 1.889   14.997  0.505   1.00 121.65 ? 6  A   B C2    1 
ATOM   588 N N3    . A   B 2 6  ? 1.993   14.488  -0.724  1.00 123.80 ? 6  A   B N3    1 
ATOM   589 C C4    . A   B 2 6  ? 0.867   13.825  -1.062  1.00 128.34 ? 6  A   B C4    1 
ATOM   590 P P     . C   B 2 7  ? 3.344   8.858   -4.230  1.00 109.90 ? 7  C   B P     1 
ATOM   591 O OP1   . C   B 2 7  ? 4.160   7.976   -5.120  1.00 108.86 ? 7  C   B OP1   1 
ATOM   592 O OP2   . C   B 2 7  ? 2.067   8.350   -3.664  1.00 98.57  ? 7  C   B OP2   1 
ATOM   593 O "O5'" . C   B 2 7  ? 4.223   9.359   -2.994  1.00 102.29 ? 7  C   B "O5'" 1 
ATOM   594 C "C5'" . C   B 2 7  ? 5.337   10.229  -3.200  1.00 100.04 ? 7  C   B "C5'" 1 
ATOM   595 C "C4'" . C   B 2 7  ? 5.722   10.914  -1.911  1.00 96.92  ? 7  C   B "C4'" 1 
ATOM   596 O "O4'" . C   B 2 7  ? 4.806   11.977  -1.537  1.00 103.20 ? 7  C   B "O4'" 1 
ATOM   597 C "C3'" . C   B 2 7  ? 5.748   10.042  -0.678  1.00 88.87  ? 7  C   B "C3'" 1 
ATOM   598 O "O3'" . C   B 2 7  ? 6.865   9.187   -0.681  1.00 88.01  ? 7  C   B "O3'" 1 
ATOM   599 C "C2'" . C   B 2 7  ? 5.820   11.092  0.414   1.00 96.93  ? 7  C   B "C2'" 1 
ATOM   600 O "O2'" . C   B 2 7  ? 7.099   11.659  0.583   1.00 98.81  ? 7  C   B "O2'" 1 
ATOM   601 C "C1'" . C   B 2 7  ? 4.822   12.124  -0.117  1.00 107.62 ? 7  C   B "C1'" 1 
ATOM   602 N N1    . C   B 2 7  ? 3.474   11.832  0.407   1.00 117.65 ? 7  C   B N1    1 
ATOM   603 C C2    . C   B 2 7  ? 3.179   12.166  1.743   1.00 119.86 ? 7  C   B C2    1 
ATOM   604 O O2    . C   B 2 7  ? 4.052   12.734  2.437   1.00 112.31 ? 7  C   B O2    1 
ATOM   605 N N3    . C   B 2 7  ? 1.952   11.865  2.242   1.00 119.06 ? 7  C   B N3    1 
ATOM   606 C C4    . C   B 2 7  ? 1.043   11.267  1.462   1.00 116.70 ? 7  C   B C4    1 
ATOM   607 N N4    . C   B 2 7  ? -0.158  10.996  1.988   1.00 121.05 ? 7  C   B N4    1 
ATOM   608 C C5    . C   B 2 7  ? 1.317   10.926  0.107   1.00 112.25 ? 7  C   B C5    1 
ATOM   609 C C6    . C   B 2 7  ? 2.531   11.225  -0.375  1.00 115.21 ? 7  C   B C6    1 
ATOM   610 P P     . C   B 2 8  ? 6.639   7.629   -0.448  1.00 79.25  ? 8  C   B P     1 
ATOM   611 O OP1   . C   B 2 8  ? 7.950   6.922   -0.408  1.00 63.55  ? 8  C   B OP1   1 
ATOM   612 O OP2   . C   B 2 8  ? 5.621   7.253   -1.461  1.00 93.77  ? 8  C   B OP2   1 
ATOM   613 O "O5'" . C   B 2 8  ? 5.980   7.583   1.000   1.00 83.47  ? 8  C   B "O5'" 1 
ATOM   614 C "C5'" . C   B 2 8  ? 6.550   8.323   2.073   1.00 79.23  ? 8  C   B "C5'" 1 
ATOM   615 C "C4'" . C   B 2 8  ? 5.563   8.453   3.204   1.00 75.58  ? 8  C   B "C4'" 1 
ATOM   616 O "O4'" . C   B 2 8  ? 4.449   9.296   2.819   1.00 69.27  ? 8  C   B "O4'" 1 
ATOM   617 C "C3'" . C   B 2 8  ? 4.896   7.173   3.671   1.00 60.16  ? 8  C   B "C3'" 1 
ATOM   618 O "O3'" . C   B 2 8  ? 5.759   6.490   4.547   1.00 59.25  ? 8  C   B "O3'" 1 
ATOM   619 C "C2'" . C   B 2 8  ? 3.698   7.719   4.433   1.00 62.78  ? 8  C   B "C2'" 1 
ATOM   620 O "O2'" . C   B 2 8  ? 4.018   8.181   5.725   1.00 74.77  ? 8  C   B "O2'" 1 
ATOM   621 C "C1'" . C   B 2 8  ? 3.299   8.906   3.558   1.00 73.56  ? 8  C   B "C1'" 1 
ATOM   622 N N1    . C   B 2 8  ? 2.243   8.524   2.615   1.00 87.20  ? 8  C   B N1    1 
ATOM   623 C C2    . C   B 2 8  ? 0.927   8.458   3.076   1.00 83.97  ? 8  C   B C2    1 
ATOM   624 O O2    . C   B 2 8  ? 0.693   8.731   4.257   1.00 84.73  ? 8  C   B O2    1 
ATOM   625 N N3    . C   B 2 8  ? -0.053  8.101   2.223   1.00 89.03  ? 8  C   B N3    1 
ATOM   626 C C4    . C   B 2 8  ? 0.240   7.826   0.951   1.00 88.32  ? 8  C   B C4    1 
ATOM   627 N N4    . C   B 2 8  ? -0.764  7.511   0.133   1.00 72.65  ? 8  C   B N4    1 
ATOM   628 C C5    . C   B 2 8  ? 1.576   7.874   0.456   1.00 87.45  ? 8  C   B C5    1 
ATOM   629 C C6    . C   B 2 8  ? 2.537   8.226   1.314   1.00 83.84  ? 8  C   B C6    1 
ATOM   630 P P     . C   B 2 9  ? 5.611   4.910   4.724   1.00 73.63  ? 9  C   B P     1 
ATOM   631 O OP1   . C   B 2 9  ? 6.828   4.403   5.410   1.00 80.69  ? 9  C   B OP1   1 
ATOM   632 O OP2   . C   B 2 9  ? 5.245   4.393   3.383   1.00 71.41  ? 9  C   B OP2   1 
ATOM   633 O "O5'" . C   B 2 9  ? 4.367   4.696   5.692   1.00 68.19  ? 9  C   B "O5'" 1 
ATOM   634 C "C5'" . C   B 2 9  ? 4.390   5.154   7.027   1.00 68.17  ? 9  C   B "C5'" 1 
ATOM   635 C "C4'" . C   B 2 9  ? 3.043   4.935   7.664   1.00 69.75  ? 9  C   B "C4'" 1 
ATOM   636 O "O4'" . C   B 2 9  ? 2.049   5.780   7.033   1.00 72.89  ? 9  C   B "O4'" 1 
ATOM   637 C "C3'" . C   B 2 9  ? 2.505   3.532   7.499   1.00 67.78  ? 9  C   B "C3'" 1 
ATOM   638 O "O3'" . C   B 2 9  ? 3.001   2.730   8.546   1.00 71.71  ? 9  C   B "O3'" 1 
ATOM   639 C "C2'" . C   B 2 9  ? 1.001   3.729   7.637   1.00 69.34  ? 9  C   B "C2'" 1 
ATOM   640 O "O2'" . C   B 2 9  ? 0.547   3.722   8.970   1.00 82.12  ? 9  C   B "O2'" 1 
ATOM   641 C "C1'" . C   B 2 9  ? 0.803   5.107   7.007   1.00 66.79  ? 9  C   B "C1'" 1 
ATOM   642 N N1    . C   B 2 9  ? 0.390   4.994   5.614   1.00 64.33  ? 9  C   B N1    1 
ATOM   643 C C2    . C   B 2 9  ? -0.920  4.623   5.329   1.00 64.03  ? 9  C   B C2    1 
ATOM   644 O O2    . C   B 2 9  ? -1.695  4.409   6.265   1.00 74.31  ? 9  C   B O2    1 
ATOM   645 N N3    . C   B 2 9  ? -1.306  4.504   4.042   1.00 67.14  ? 9  C   B N3    1 
ATOM   646 C C4    . C   B 2 9  ? -0.433  4.752   3.063   1.00 68.70  ? 9  C   B C4    1 
ATOM   647 N N4    . C   B 2 9  ? -0.853  4.634   1.809   1.00 57.53  ? 9  C   B N4    1 
ATOM   648 C C5    . C   B 2 9  ? 0.911   5.137   3.330   1.00 69.06  ? 9  C   B C5    1 
ATOM   649 C C6    . C   B 2 9  ? 1.275   5.245   4.608   1.00 61.96  ? 9  C   B C6    1 
ATOM   650 P P     . C   B 2 10 ? 3.373   1.210   8.249   1.00 76.64  ? 10 C   B P     1 
ATOM   651 O OP1   . C   B 2 10 ? 4.223   0.723   9.366   1.00 83.69  ? 10 C   B OP1   1 
ATOM   652 O OP2   . C   B 2 10 ? 3.890   1.185   6.863   1.00 82.55  ? 10 C   B OP2   1 
ATOM   653 O "O5'" . C   B 2 10 ? 1.969   0.470   8.302   1.00 71.52  ? 10 C   B "O5'" 1 
ATOM   654 C "C5'" . C   B 2 10 ? 1.149   0.597   9.453   1.00 80.65  ? 10 C   B "C5'" 1 
ATOM   655 C "C4'" . C   B 2 10 ? -0.284  0.269   9.124   1.00 81.54  ? 10 C   B "C4'" 1 
ATOM   656 O "O4'" . C   B 2 10 ? -0.846  1.246   8.211   1.00 85.02  ? 10 C   B "O4'" 1 
ATOM   657 C "C3'" . C   B 2 10 ? -0.536  -1.027  8.385   1.00 91.33  ? 10 C   B "C3'" 1 
ATOM   658 O "O3'" . C   B 2 10 ? -0.397  -2.152  9.232   1.00 93.06  ? 10 C   B "O3'" 1 
ATOM   659 C "C2'" . C   B 2 10 ? -1.973  -0.819  7.951   1.00 91.20  ? 10 C   B "C2'" 1 
ATOM   660 O "O2'" . C   B 2 10 ? -2.866  -0.937  9.035   1.00 98.76  ? 10 C   B "O2'" 1 
ATOM   661 C "C1'" . C   B 2 10 ? -1.914  0.640   7.492   1.00 87.62  ? 10 C   B "C1'" 1 
ATOM   662 N N1    . C   B 2 10 ? -1.626  0.735   6.057   1.00 84.00  ? 10 C   B N1    1 
ATOM   663 C C2    . C   B 2 10 ? -2.552  0.203   5.156   1.00 77.70  ? 10 C   B C2    1 
ATOM   664 O O2    . C   B 2 10 ? -3.569  -0.352  5.598   1.00 74.52  ? 10 C   B O2    1 
ATOM   665 N N3    . C   B 2 10 ? -2.313  0.299   3.830   1.00 66.56  ? 10 C   B N3    1 
ATOM   666 C C4    . C   B 2 10 ? -1.196  0.883   3.397   1.00 69.63  ? 10 C   B C4    1 
ATOM   667 N N4    . C   B 2 10 ? -0.999  0.948   2.085   1.00 80.00  ? 10 C   B N4    1 
ATOM   668 C C5    . C   B 2 10 ? -0.230  1.423   4.292   1.00 74.45  ? 10 C   B C5    1 
ATOM   669 C C6    . C   B 2 10 ? -0.483  1.329   5.604   1.00 87.38  ? 10 C   B C6    1 
ATOM   670 P P     . G   B 2 11 ? 0.299   -3.487  8.667   1.00 99.15  ? 11 G   B P     1 
ATOM   671 O OP1   . G   B 2 11 ? 0.528   -4.353  9.855   1.00 101.09 ? 11 G   B OP1   1 
ATOM   672 O OP2   . G   B 2 11 ? 1.450   -3.089  7.810   1.00 84.64  ? 11 G   B OP2   1 
ATOM   673 O "O5'" . G   B 2 11 ? -0.824  -4.162  7.754   1.00 90.89  ? 11 G   B "O5'" 1 
ATOM   674 C "C5'" . G   B 2 11 ? -1.955  -4.793  8.351   1.00 85.46  ? 11 G   B "C5'" 1 
ATOM   675 C "C4'" . G   B 2 11 ? -2.991  -5.144  7.305   1.00 82.17  ? 11 G   B "C4'" 1 
ATOM   676 O "O4'" . G   B 2 11 ? -3.434  -3.946  6.606   1.00 75.74  ? 11 G   B "O4'" 1 
ATOM   677 C "C3'" . G   B 2 11 ? -2.566  -6.057  6.168   1.00 81.87  ? 11 G   B "C3'" 1 
ATOM   678 O "O3'" . G   B 2 11 ? -2.487  -7.423  6.562   1.00 87.72  ? 11 G   B "O3'" 1 
ATOM   679 C "C2'" . G   B 2 11 ? -3.705  -5.828  5.195   1.00 83.00  ? 11 G   B "C2'" 1 
ATOM   680 O "O2'" . G   B 2 11 ? -4.875  -6.515  5.580   1.00 88.65  ? 11 G   B "O2'" 1 
ATOM   681 C "C1'" . G   B 2 11 ? -3.885  -4.308  5.307   1.00 83.71  ? 11 G   B "C1'" 1 
ATOM   682 N N9    . G   B 2 11 ? -3.049  -3.632  4.319   1.00 78.27  ? 11 G   B N9    1 
ATOM   683 C C8    . G   B 2 11 ? -1.870  -2.963  4.546   1.00 70.25  ? 11 G   B C8    1 
ATOM   684 N N7    . G   B 2 11 ? -1.300  -2.549  3.446   1.00 66.58  ? 11 G   B N7    1 
ATOM   685 C C5    . G   B 2 11 ? -2.164  -2.951  2.432   1.00 59.21  ? 11 G   B C5    1 
ATOM   686 C C6    . G   B 2 11 ? -2.060  -2.812  1.016   1.00 65.47  ? 11 G   B C6    1 
ATOM   687 O O6    . G   B 2 11 ? -1.147  -2.312  0.355   1.00 71.24  ? 11 G   B O6    1 
ATOM   688 N N1    . G   B 2 11 ? -3.165  -3.349  0.364   1.00 66.93  ? 11 G   B N1    1 
ATOM   689 C C2    . G   B 2 11 ? -4.228  -3.953  0.985   1.00 66.30  ? 11 G   B C2    1 
ATOM   690 N N2    . G   B 2 11 ? -5.204  -4.386  0.174   1.00 47.97  ? 11 G   B N2    1 
ATOM   691 N N3    . G   B 2 11 ? -4.326  -4.114  2.300   1.00 53.85  ? 11 G   B N3    1 
ATOM   692 C C4    . G   B 2 11 ? -3.264  -3.592  2.955   1.00 62.18  ? 11 G   B C4    1 
ATOM   693 P P     . G   B 2 12 ? -1.357  -8.381  5.913   1.00 87.08  ? 12 G   B P     1 
ATOM   694 O OP1   . G   B 2 12 ? -1.260  -9.588  6.771   1.00 89.01  ? 12 G   B OP1   1 
ATOM   695 O OP2   . G   B 2 12 ? -0.144  -7.565  5.672   1.00 91.08  ? 12 G   B OP2   1 
ATOM   696 O "O5'" . G   B 2 12 ? -1.939  -8.803  4.482   1.00 83.96  ? 12 G   B "O5'" 1 
ATOM   697 C "C5'" . G   B 2 12 ? -3.204  -9.455  4.368   1.00 64.36  ? 12 G   B "C5'" 1 
ATOM   698 C "C4'" . G   B 2 12 ? -3.764  -9.310  2.968   1.00 72.96  ? 12 G   B "C4'" 1 
ATOM   699 O "O4'" . G   B 2 12 ? -4.014  -7.913  2.658   1.00 73.75  ? 12 G   B "O4'" 1 
ATOM   700 C "C3'" . G   B 2 12 ? -2.917  -9.788  1.801   1.00 72.68  ? 12 G   B "C3'" 1 
ATOM   701 O "O3'" . G   B 2 12 ? -2.958  -11.202 1.662   1.00 76.09  ? 12 G   B "O3'" 1 
ATOM   702 C "C2'" . G   B 2 12 ? -3.597  -9.075  0.643   1.00 72.54  ? 12 G   B "C2'" 1 
ATOM   703 O "O2'" . G   B 2 12 ? -4.821  -9.636  0.219   1.00 69.46  ? 12 G   B "O2'" 1 
ATOM   704 C "C1'" . G   B 2 12 ? -3.837  -7.701  1.266   1.00 69.60  ? 12 G   B "C1'" 1 
ATOM   705 N N9    . G   B 2 12 ? -2.645  -6.891  1.073   1.00 67.02  ? 12 G   B N9    1 
ATOM   706 C C8    . G   B 2 12 ? -1.735  -6.484  2.021   1.00 70.52  ? 12 G   B C8    1 
ATOM   707 N N7    . G   B 2 12 ? -0.731  -5.820  1.514   1.00 65.08  ? 12 G   B N7    1 
ATOM   708 C C5    . G   B 2 12 ? -1.006  -5.779  0.150   1.00 69.36  ? 12 G   B C5    1 
ATOM   709 C C6    . G   B 2 12 ? -0.271  -5.210  -0.922  1.00 59.32  ? 12 G   B C6    1 
ATOM   710 O O6    . G   B 2 12 ? 0.800   -4.604  -0.881  1.00 66.89  ? 12 G   B O6    1 
ATOM   711 N N1    . G   B 2 12 ? -0.908  -5.403  -2.138  1.00 50.95  ? 12 G   B N1    1 
ATOM   712 C C2    . G   B 2 12 ? -2.106  -6.057  -2.310  1.00 69.94  ? 12 G   B C2    1 
ATOM   713 N N2    . G   B 2 12 ? -2.565  -6.128  -3.572  1.00 61.81  ? 12 G   B N2    1 
ATOM   714 N N3    . G   B 2 12 ? -2.804  -6.592  -1.322  1.00 52.11  ? 12 G   B N3    1 
ATOM   715 C C4    . G   B 2 12 ? -2.195  -6.421  -0.129  1.00 65.11  ? 12 G   B C4    1 
ATOM   716 P P     . G   B 2 13 ? -1.609  -12.000 1.312   1.00 80.98  ? 13 G   B P     1 
ATOM   717 O OP1   . G   B 2 13 ? -1.832  -13.436 1.616   1.00 79.48  ? 13 G   B OP1   1 
ATOM   718 O OP2   . G   B 2 13 ? -0.447  -11.291 1.912   1.00 72.90  ? 13 G   B OP2   1 
ATOM   719 O "O5'" . G   B 2 13 ? -1.521  -11.858 -0.263  1.00 66.03  ? 13 G   B "O5'" 1 
ATOM   720 C "C5'" . G   B 2 13 ? -2.618  -12.238 -1.049  1.00 64.33  ? 13 G   B "C5'" 1 
ATOM   721 C "C4'" . G   B 2 13 ? -2.431  -11.750 -2.443  1.00 64.81  ? 13 G   B "C4'" 1 
ATOM   722 O "O4'" . G   B 2 13 ? -2.331  -10.306 -2.419  1.00 69.59  ? 13 G   B "O4'" 1 
ATOM   723 C "C3'" . G   B 2 13 ? -1.150  -12.199 -3.107  1.00 61.20  ? 13 G   B "C3'" 1 
ATOM   724 O "O3'" . G   B 2 13 ? -1.336  -13.507 -3.624  1.00 71.38  ? 13 G   B "O3'" 1 
ATOM   725 C "C2'" . G   B 2 13 ? -0.998  -11.137 -4.192  1.00 64.57  ? 13 G   B "C2'" 1 
ATOM   726 O "O2'" . G   B 2 13 ? -1.869  -11.319 -5.287  1.00 54.75  ? 13 G   B "O2'" 1 
ATOM   727 C "C1'" . G   B 2 13 ? -1.440  -9.883  -3.435  1.00 67.54  ? 13 G   B "C1'" 1 
ATOM   728 N N9    . G   B 2 13 ? -0.341  -9.160  -2.802  1.00 81.39  ? 13 G   B N9    1 
ATOM   729 C C8    . G   B 2 13 ? -0.030  -9.099  -1.463  1.00 80.53  ? 13 G   B C8    1 
ATOM   730 N N7    . G   B 2 13 ? 0.998   -8.336  -1.212  1.00 69.98  ? 13 G   B N7    1 
ATOM   731 C C5    . G   B 2 13 ? 1.391   -7.879  -2.459  1.00 72.18  ? 13 G   B C5    1 
ATOM   732 C C6    . G   B 2 13 ? 2.447   -7.024  -2.828  1.00 75.24  ? 13 G   B C6    1 
ATOM   733 O O6    . G   B 2 13 ? 3.270   -6.456  -2.096  1.00 83.32  ? 13 G   B O6    1 
ATOM   734 N N1    . G   B 2 13 ? 2.494   -6.842  -4.207  1.00 60.02  ? 13 G   B N1    1 
ATOM   735 C C2    . G   B 2 13 ? 1.623   -7.402  -5.105  1.00 58.34  ? 13 G   B C2    1 
ATOM   736 N N2    . G   B 2 13 ? 1.813   -7.113  -6.386  1.00 66.45  ? 13 G   B N2    1 
ATOM   737 N N3    . G   B 2 13 ? 0.633   -8.189  -4.772  1.00 69.86  ? 13 G   B N3    1 
ATOM   738 C C4    . G   B 2 13 ? 0.576   -8.388  -3.446  1.00 72.94  ? 13 G   B C4    1 
ATOM   739 P P     . C   B 2 14 ? -0.190  -14.616 -3.432  1.00 69.89  ? 14 C   B P     1 
ATOM   740 O OP1   . C   B 2 14 ? -0.705  -15.888 -3.989  1.00 73.72  ? 14 C   B OP1   1 
ATOM   741 O OP2   . C   B 2 14 ? 0.283   -14.578 -2.019  1.00 58.76  ? 14 C   B OP2   1 
ATOM   742 O "O5'" . C   B 2 14 ? 0.958   -14.104 -4.407  1.00 72.84  ? 14 C   B "O5'" 1 
ATOM   743 C "C5'" . C   B 2 14 ? 0.704   -13.897 -5.799  1.00 57.41  ? 14 C   B "C5'" 1 
ATOM   744 C "C4'" . C   B 2 14 ? 1.865   -13.157 -6.432  1.00 71.06  ? 14 C   B "C4'" 1 
ATOM   745 O "O4'" . C   B 2 14 ? 1.885   -11.787 -5.944  1.00 74.80  ? 14 C   B "O4'" 1 
ATOM   746 C "C3'" . C   B 2 14 ? 3.247   -13.696 -6.080  1.00 75.11  ? 14 C   B "C3'" 1 
ATOM   747 O "O3'" . C   B 2 14 ? 3.634   -14.767 -6.931  1.00 76.89  ? 14 C   B "O3'" 1 
ATOM   748 C "C2'" . C   B 2 14 ? 4.142   -12.478 -6.272  1.00 69.34  ? 14 C   B "C2'" 1 
ATOM   749 O "O2'" . C   B 2 14 ? 4.521   -12.289 -7.613  1.00 81.43  ? 14 C   B "O2'" 1 
ATOM   750 C "C1'" . C   B 2 14 ? 3.228   -11.345 -5.810  1.00 74.34  ? 14 C   B "C1'" 1 
ATOM   751 N N1    . C   B 2 14 ? 3.454   -10.953 -4.410  1.00 76.38  ? 14 C   B N1    1 
ATOM   752 C C2    . C   B 2 14 ? 4.288   -9.870  -4.152  1.00 76.94  ? 14 C   B C2    1 
ATOM   753 O O2    . C   B 2 14 ? 4.823   -9.296  -5.110  1.00 83.98  ? 14 C   B O2    1 
ATOM   754 N N3    . C   B 2 14 ? 4.490   -9.476  -2.875  1.00 71.10  ? 14 C   B N3    1 
ATOM   755 C C4    . C   B 2 14 ? 3.886   -10.123 -1.876  1.00 70.33  ? 14 C   B C4    1 
ATOM   756 N N4    . C   B 2 14 ? 4.084   -9.680  -0.626  1.00 63.13  ? 14 C   B N4    1 
ATOM   757 C C5    . C   B 2 14 ? 3.044   -11.246 -2.110  1.00 65.72  ? 14 C   B C5    1 
ATOM   758 C C6    . C   B 2 14 ? 2.858   -11.624 -3.379  1.00 69.09  ? 14 C   B C6    1 
ATOM   759 P P     . A   B 2 15 ? 4.760   -15.808 -6.438  1.00 81.67  ? 15 A   B P     1 
ATOM   760 O OP1   . A   B 2 15 ? 6.094   -15.158 -6.512  1.00 84.13  ? 15 A   B OP1   1 
ATOM   761 O OP2   . A   B 2 15 ? 4.519   -17.064 -7.185  1.00 83.13  ? 15 A   B OP2   1 
ATOM   762 O "O5'" . A   B 2 15 ? 4.418   -16.052 -4.899  1.00 85.08  ? 15 A   B "O5'" 1 
ATOM   763 C "C5'" . A   B 2 15 ? 4.520   -17.351 -4.318  1.00 73.66  ? 15 A   B "C5'" 1 
ATOM   764 C "C4'" . A   B 2 15 ? 4.319   -17.270 -2.827  1.00 67.38  ? 15 A   B "C4'" 1 
ATOM   765 O "O4'" . A   B 2 15 ? 5.376   -16.444 -2.277  1.00 76.38  ? 15 A   B "O4'" 1 
ATOM   766 C "C3'" . A   B 2 15 ? 3.012   -16.633 -2.366  1.00 76.99  ? 15 A   B "C3'" 1 
ATOM   767 O "O3'" . A   B 2 15 ? 2.657   -17.139 -1.085  1.00 91.60  ? 15 A   B "O3'" 1 
ATOM   768 C "C2'" . A   B 2 15 ? 3.401   -15.172 -2.199  1.00 70.60  ? 15 A   B "C2'" 1 
ATOM   769 O "O2'" . A   B 2 15 ? 2.577   -14.507 -1.264  1.00 66.88  ? 15 A   B "O2'" 1 
ATOM   770 C "C1'" . A   B 2 15 ? 4.813   -15.315 -1.634  1.00 79.46  ? 15 A   B "C1'" 1 
ATOM   771 N N9    . A   B 2 15 ? 5.663   -14.155 -1.902  1.00 82.00  ? 15 A   B N9    1 
ATOM   772 C C8    . A   B 2 15 ? 6.283   -13.816 -3.080  1.00 75.80  ? 15 A   B C8    1 
ATOM   773 N N7    . A   B 2 15 ? 6.956   -12.691 -3.019  1.00 73.94  ? 15 A   B N7    1 
ATOM   774 C C5    . A   B 2 15 ? 6.776   -12.267 -1.709  1.00 71.48  ? 15 A   B C5    1 
ATOM   775 C C6    . A   B 2 15 ? 7.235   -11.140 -1.007  1.00 70.59  ? 15 A   B C6    1 
ATOM   776 N N6    . A   B 2 15 ? 7.991   -10.179 -1.552  1.00 61.50  ? 15 A   B N6    1 
ATOM   777 N N1    . A   B 2 15 ? 6.883   -11.028 0.291   1.00 67.19  ? 15 A   B N1    1 
ATOM   778 C C2    . A   B 2 15 ? 6.112   -11.974 0.833   1.00 61.39  ? 15 A   B C2    1 
ATOM   779 N N3    . A   B 2 15 ? 5.612   -13.069 0.275   1.00 68.54  ? 15 A   B N3    1 
ATOM   780 C C4    . A   B 2 15 ? 5.988   -13.162 -1.009  1.00 66.75  ? 15 A   B C4    1 
ATOM   781 P P     . A   B 2 16 ? 1.840   -18.520 -0.963  1.00 89.81  ? 16 A   B P     1 
ATOM   782 O OP1   . A   B 2 16 ? 1.872   -19.234 -2.272  1.00 71.25  ? 16 A   B OP1   1 
ATOM   783 O OP2   . A   B 2 16 ? 0.534   -18.233 -0.303  1.00 90.07  ? 16 A   B OP2   1 
ATOM   784 O "O5'" . A   B 2 16 ? 2.703   -19.346 0.082   1.00 88.43  ? 16 A   B "O5'" 1 
ATOM   785 C "C5'" . A   B 2 16 ? 3.699   -20.262 -0.341  1.00 76.45  ? 16 A   B "C5'" 1 
ATOM   786 C "C4'" . A   B 2 16 ? 3.705   -21.440 0.588   1.00 74.11  ? 16 A   B "C4'" 1 
ATOM   787 O "O4'" . A   B 2 16 ? 2.523   -22.233 0.396   1.00 61.62  ? 16 A   B "O4'" 1 
ATOM   788 C "C3'" . A   B 2 16 ? 4.815   -22.448 0.410   1.00 74.22  ? 16 A   B "C3'" 1 
ATOM   789 O "O3'" . A   B 2 16 ? 5.915   -21.959 1.162   1.00 68.73  ? 16 A   B "O3'" 1 
ATOM   790 C "C2'" . A   B 2 16 ? 4.229   -23.722 1.045   1.00 75.73  ? 16 A   B "C2'" 1 
ATOM   791 O "O2'" . A   B 2 16 ? 4.679   -23.930 2.373   1.00 73.67  ? 16 A   B "O2'" 1 
ATOM   792 C "C1'" . A   B 2 16 ? 2.716   -23.453 1.053   1.00 69.84  ? 16 A   B "C1'" 1 
ATOM   793 N N9    . A   B 2 16 ? 1.881   -24.467 0.398   1.00 77.51  ? 16 A   B N9    1 
ATOM   794 C C8    . A   B 2 16 ? 0.892   -25.263 0.953   1.00 81.62  ? 16 A   B C8    1 
ATOM   795 N N7    . A   B 2 16 ? 0.313   -26.075 0.101   1.00 52.51  ? 16 A   B N7    1 
ATOM   796 C C5    . A   B 2 16 ? 0.965   -25.807 -1.087  1.00 59.94  ? 16 A   B C5    1 
ATOM   797 C C6    . A   B 2 16 ? 0.833   -26.350 -2.348  1.00 48.99  ? 16 A   B C6    1 
ATOM   798 N N6    . A   B 2 16 ? -0.012  -27.331 -2.637  1.00 57.63  ? 16 A   B N6    1 
ATOM   799 N N1    . A   B 2 16 ? 1.621   -25.858 -3.321  1.00 72.83  ? 16 A   B N1    1 
ATOM   800 C C2    . A   B 2 16 ? 2.509   -24.888 -3.012  1.00 63.95  ? 16 A   B C2    1 
ATOM   801 N N3    . A   B 2 16 ? 2.742   -24.305 -1.844  1.00 41.02  ? 16 A   B N3    1 
ATOM   802 C C4    . A   B 2 16 ? 1.928   -24.814 -0.918  1.00 58.54  ? 16 A   B C4    1 
ATOM   803 P P     . G   B 2 17 ? 7.411   -22.186 0.637   1.00 65.52  ? 17 G   B P     1 
ATOM   804 O OP1   . G   B 2 17 ? 7.505   -23.545 0.058   1.00 81.18  ? 17 G   B OP1   1 
ATOM   805 O OP2   . G   B 2 17 ? 8.286   -21.821 1.769   1.00 86.65  ? 17 G   B OP2   1 
ATOM   806 O "O5'" . G   B 2 17 ? 7.613   -21.110 -0.522  1.00 66.08  ? 17 G   B "O5'" 1 
ATOM   807 C "C5'" . G   B 2 17 ? 7.679   -21.508 -1.886  1.00 64.49  ? 17 G   B "C5'" 1 
ATOM   808 C "C4'" . G   B 2 17 ? 8.117   -20.350 -2.751  1.00 65.80  ? 17 G   B "C4'" 1 
ATOM   809 O "O4'" . G   B 2 17 ? 7.197   -19.240 -2.569  1.00 70.37  ? 17 G   B "O4'" 1 
ATOM   810 C "C3'" . G   B 2 17 ? 9.485   -19.761 -2.459  1.00 68.27  ? 17 G   B "C3'" 1 
ATOM   811 O "O3'" . G   B 2 17 ? 10.496  -20.474 -3.161  1.00 70.17  ? 17 G   B "O3'" 1 
ATOM   812 C "C2'" . G   B 2 17 ? 9.345   -18.357 -3.032  1.00 73.43  ? 17 G   B "C2'" 1 
ATOM   813 O "O2'" . G   B 2 17 ? 9.517   -18.322 -4.437  1.00 68.82  ? 17 G   B "O2'" 1 
ATOM   814 C "C1'" . G   B 2 17 ? 7.903   -18.012 -2.649  1.00 67.57  ? 17 G   B "C1'" 1 
ATOM   815 N N9    . G   B 2 17 ? 7.787   -17.338 -1.358  1.00 67.08  ? 17 G   B N9    1 
ATOM   816 C C8    . G   B 2 17 ? 7.080   -17.776 -0.267  1.00 62.43  ? 17 G   B C8    1 
ATOM   817 N N7    . G   B 2 17 ? 7.157   -16.965 0.755   1.00 68.39  ? 17 G   B N7    1 
ATOM   818 C C5    . G   B 2 17 ? 7.970   -15.933 0.312   1.00 65.31  ? 17 G   B C5    1 
ATOM   819 C C6    . G   B 2 17 ? 8.420   -14.768 0.985   1.00 76.10  ? 17 G   B C6    1 
ATOM   820 O O6    . G   B 2 17 ? 8.184   -14.402 2.147   1.00 72.10  ? 17 G   B O6    1 
ATOM   821 N N1    . G   B 2 17 ? 9.229   -13.990 0.164   1.00 72.39  ? 17 G   B N1    1 
ATOM   822 C C2    . G   B 2 17 ? 9.561   -14.293 -1.130  1.00 66.24  ? 17 G   B C2    1 
ATOM   823 N N2    . G   B 2 17 ? 10.351  -13.417 -1.750  1.00 56.53  ? 17 G   B N2    1 
ATOM   824 N N3    . G   B 2 17 ? 9.150   -15.374 -1.766  1.00 64.09  ? 17 G   B N3    1 
ATOM   825 C C4    . G   B 2 17 ? 8.364   -16.143 -0.992  1.00 57.89  ? 17 G   B C4    1 
ATOM   826 P P     . U   B 2 18 ? 11.905  -20.781 -2.438  1.00 70.71  ? 18 U   B P     1 
ATOM   827 O OP1   . U   B 2 18 ? 12.609  -21.787 -3.267  1.00 69.02  ? 18 U   B OP1   1 
ATOM   828 O OP2   . U   B 2 18 ? 11.682  -21.060 -0.992  1.00 57.47  ? 18 U   B OP2   1 
ATOM   829 O "O5'" . U   B 2 18 ? 12.691  -19.406 -2.565  1.00 65.58  ? 18 U   B "O5'" 1 
ATOM   830 C "C5'" . U   B 2 18 ? 12.993  -18.863 -3.839  1.00 63.18  ? 18 U   B "C5'" 1 
ATOM   831 C "C4'" . U   B 2 18 ? 13.705  -17.545 -3.684  1.00 63.64  ? 18 U   B "C4'" 1 
ATOM   832 O "O4'" . U   B 2 18 ? 12.783  -16.553 -3.168  1.00 60.91  ? 18 U   B "O4'" 1 
ATOM   833 C "C3'" . U   B 2 18 ? 14.859  -17.522 -2.698  1.00 64.26  ? 18 U   B "C3'" 1 
ATOM   834 O "O3'" . U   B 2 18 ? 16.063  -18.006 -3.283  1.00 63.50  ? 18 U   B "O3'" 1 
ATOM   835 C "C2'" . U   B 2 18 ? 14.966  -16.037 -2.397  1.00 59.52  ? 18 U   B "C2'" 1 
ATOM   836 O "O2'" . U   B 2 18 ? 15.663  -15.343 -3.404  1.00 71.75  ? 18 U   B "O2'" 1 
ATOM   837 C "C1'" . U   B 2 18 ? 13.493  -15.620 -2.385  1.00 59.50  ? 18 U   B "C1'" 1 
ATOM   838 N N1    . U   B 2 18 ? 12.918  -15.633 -1.038  1.00 68.77  ? 18 U   B N1    1 
ATOM   839 C C2    . U   B 2 18 ? 13.228  -14.573 -0.211  1.00 73.55  ? 18 U   B C2    1 
ATOM   840 O O2    . U   B 2 18 ? 13.947  -13.651 -0.563  1.00 72.93  ? 18 U   B O2    1 
ATOM   841 N N3    . U   B 2 18 ? 12.665  -14.631 1.038   1.00 66.79  ? 18 U   B N3    1 
ATOM   842 C C4    . U   B 2 18 ? 11.838  -15.614 1.524   1.00 69.41  ? 18 U   B C4    1 
ATOM   843 O O4    . U   B 2 18 ? 11.389  -15.513 2.664   1.00 76.58  ? 18 U   B O4    1 
ATOM   844 C C5    . U   B 2 18 ? 11.565  -16.677 0.607   1.00 68.52  ? 18 U   B C5    1 
ATOM   845 C C6    . U   B 2 18 ? 12.105  -16.652 -0.612  1.00 57.19  ? 18 U   B C6    1 
ATOM   846 P P     . C   B 2 19 ? 16.966  -19.058 -2.477  1.00 60.92  ? 19 C   B P     1 
ATOM   847 O OP1   . C   B 2 19 ? 18.009  -19.591 -3.393  1.00 64.68  ? 19 C   B OP1   1 
ATOM   848 O OP2   . C   B 2 19 ? 16.017  -19.984 -1.811  1.00 71.46  ? 19 C   B OP2   1 
ATOM   849 O "O5'" . C   B 2 19 ? 17.717  -18.192 -1.376  1.00 60.36  ? 19 C   B "O5'" 1 
ATOM   850 C "C5'" . C   B 2 19 ? 18.824  -17.388 -1.744  1.00 64.20  ? 19 C   B "C5'" 1 
ATOM   851 C "C4'" . C   B 2 19 ? 19.018  -16.276 -0.752  1.00 61.17  ? 19 C   B "C4'" 1 
ATOM   852 O "O4'" . C   B 2 19 ? 17.767  -15.548 -0.599  1.00 63.83  ? 19 C   B "O4'" 1 
ATOM   853 C "C3'" . C   B 2 19 ? 19.353  -16.688 0.665   1.00 49.31  ? 19 C   B "C3'" 1 
ATOM   854 O "O3'" . C   B 2 19 ? 20.723  -17.009 0.816   1.00 59.43  ? 19 C   B "O3'" 1 
ATOM   855 C "C2'" . C   B 2 19 ? 18.973  -15.431 1.427   1.00 63.23  ? 19 C   B "C2'" 1 
ATOM   856 O "O2'" . C   B 2 19 ? 19.899  -14.371 1.276   1.00 68.46  ? 19 C   B "O2'" 1 
ATOM   857 C "C1'" . C   B 2 19 ? 17.654  -15.072 0.738   1.00 62.11  ? 19 C   B "C1'" 1 
ATOM   858 N N1    . C   B 2 19 ? 16.524  -15.753 1.389   1.00 58.25  ? 19 C   B N1    1 
ATOM   859 C C2    . C   B 2 19 ? 16.023  -15.225 2.570   1.00 57.24  ? 19 C   B C2    1 
ATOM   860 O O2    . C   B 2 19 ? 16.504  -14.171 2.997   1.00 64.49  ? 19 C   B O2    1 
ATOM   861 N N3    . C   B 2 19 ? 15.028  -15.871 3.219   1.00 55.43  ? 19 C   B N3    1 
ATOM   862 C C4    . C   B 2 19 ? 14.534  -16.999 2.717   1.00 50.30  ? 19 C   B C4    1 
ATOM   863 N N4    . C   B 2 19 ? 13.586  -17.626 3.404   1.00 49.81  ? 19 C   B N4    1 
ATOM   864 C C5    . C   B 2 19 ? 15.001  -17.541 1.489   1.00 63.50  ? 19 C   B C5    1 
ATOM   865 C C6    . C   B 2 19 ? 15.989  -16.895 0.863   1.00 58.96  ? 19 C   B C6    1 
ATOM   866 P P     . G   B 2 20 ? 21.165  -18.020 1.985   1.00 65.02  ? 20 G   B P     1 
ATOM   867 O OP1   . G   B 2 20 ? 22.594  -18.371 1.850   1.00 72.65  ? 20 G   B OP1   1 
ATOM   868 O OP2   . G   B 2 20 ? 20.162  -19.111 2.019   1.00 72.82  ? 20 G   B OP2   1 
ATOM   869 O "O5'" . G   B 2 20 ? 21.024  -17.116 3.284   1.00 66.40  ? 20 G   B "O5'" 1 
ATOM   870 C "C5'" . G   B 2 20 ? 21.763  -15.911 3.390   1.00 67.72  ? 20 G   B "C5'" 1 
ATOM   871 C "C4'" . G   B 2 20 ? 21.411  -15.190 4.661   1.00 68.20  ? 20 G   B "C4'" 1 
ATOM   872 O "O4'" . G   B 2 20 ? 20.021  -14.781 4.619   1.00 62.44  ? 20 G   B "O4'" 1 
ATOM   873 C "C3'" . G   B 2 20 ? 21.512  -15.989 5.949   1.00 60.41  ? 20 G   B "C3'" 1 
ATOM   874 O "O3'" . G   B 2 20 ? 22.846  -16.014 6.422   1.00 61.75  ? 20 G   B "O3'" 1 
ATOM   875 C "C2'" . G   B 2 20 ? 20.649  -15.143 6.862   1.00 69.60  ? 20 G   B "C2'" 1 
ATOM   876 O "O2'" . G   B 2 20 ? 21.304  -13.942 7.225   1.00 61.86  ? 20 G   B "O2'" 1 
ATOM   877 C "C1'" . G   B 2 20 ? 19.480  -14.831 5.926   1.00 71.72  ? 20 G   B "C1'" 1 
ATOM   878 N N9    . G   B 2 20 ? 18.424  -15.846 5.960   1.00 75.57  ? 20 G   B N9    1 
ATOM   879 C C8    . G   B 2 20 ? 18.157  -16.833 5.041   1.00 69.38  ? 20 G   B C8    1 
ATOM   880 N N7    . G   B 2 20 ? 17.120  -17.564 5.361   1.00 64.64  ? 20 G   B N7    1 
ATOM   881 C C5    . G   B 2 20 ? 16.681  -17.025 6.565   1.00 52.40  ? 20 G   B C5    1 
ATOM   882 C C6    . G   B 2 20 ? 15.595  -17.394 7.403   1.00 58.65  ? 20 G   B C6    1 
ATOM   883 O O6    . G   B 2 20 ? 14.750  -18.291 7.238   1.00 59.99  ? 20 G   B O6    1 
ATOM   884 N N1    . G   B 2 20 ? 15.539  -16.593 8.533   1.00 51.01  ? 20 G   B N1    1 
ATOM   885 C C2    . G   B 2 20 ? 16.405  -15.570 8.823   1.00 52.55  ? 20 G   B C2    1 
ATOM   886 N N2    . G   B 2 20 ? 16.205  -14.911 9.965   1.00 67.10  ? 20 G   B N2    1 
ATOM   887 N N3    . G   B 2 20 ? 17.398  -15.213 8.055   1.00 60.67  ? 20 G   B N3    1 
ATOM   888 C C4    . G   B 2 20 ? 17.483  -15.978 6.951   1.00 64.89  ? 20 G   B C4    1 
ATOM   889 P P     . C   B 2 21 ? 23.331  -17.227 7.357   1.00 76.34  ? 21 C   B P     1 
ATOM   890 O OP1   . C   B 2 21 ? 24.808  -17.122 7.523   1.00 67.16  ? 21 C   B OP1   1 
ATOM   891 O OP2   . C   B 2 21 ? 22.747  -18.503 6.854   1.00 66.90  ? 21 C   B OP2   1 
ATOM   892 O "O5'" . C   B 2 21 ? 22.639  -16.903 8.758   1.00 71.53  ? 21 C   B "O5'" 1 
ATOM   893 C "C5'" . C   B 2 21 ? 22.875  -15.673 9.437   1.00 61.36  ? 21 C   B "C5'" 1 
ATOM   894 C "C4'" . C   B 2 21 ? 21.976  -15.575 10.644  1.00 70.72  ? 21 C   B "C4'" 1 
ATOM   895 O "O4'" . C   B 2 21 ? 20.589  -15.581 10.211  1.00 76.80  ? 21 C   B "O4'" 1 
ATOM   896 C "C3'" . C   B 2 21 ? 22.053  -16.764 11.587  1.00 70.74  ? 21 C   B "C3'" 1 
ATOM   897 O "O3'" . C   B 2 21 ? 23.166  -16.734 12.463  1.00 74.58  ? 21 C   B "O3'" 1 
ATOM   898 C "C2'" . C   B 2 21 ? 20.715  -16.708 12.313  1.00 69.22  ? 21 C   B "C2'" 1 
ATOM   899 O "O2'" . C   B 2 21 ? 20.706  -15.808 13.401  1.00 75.29  ? 21 C   B "O2'" 1 
ATOM   900 C "C1'" . C   B 2 21 ? 19.786  -16.196 11.210  1.00 72.47  ? 21 C   B "C1'" 1 
ATOM   901 N N1    . C   B 2 21 ? 18.997  -17.270 10.590  1.00 67.28  ? 21 C   B N1    1 
ATOM   902 C C2    . C   B 2 21 ? 17.853  -17.710 11.241  1.00 66.31  ? 21 C   B C2    1 
ATOM   903 O O2    . C   B 2 21 ? 17.554  -17.194 12.322  1.00 65.38  ? 21 C   B O2    1 
ATOM   904 N N3    . C   B 2 21 ? 17.103  -18.687 10.679  1.00 64.21  ? 21 C   B N3    1 
ATOM   905 C C4    . C   B 2 21 ? 17.473  -19.225 9.517   1.00 53.55  ? 21 C   B C4    1 
ATOM   906 N N4    . C   B 2 21 ? 16.706  -20.180 8.998   1.00 51.63  ? 21 C   B N4    1 
ATOM   907 C C5    . C   B 2 21 ? 18.646  -18.803 8.838   1.00 54.98  ? 21 C   B C5    1 
ATOM   908 C C6    . C   B 2 21 ? 19.372  -17.829 9.402   1.00 62.45  ? 21 C   B C6    1 
HETATM 909 K K     . K   C 3 .  ? -1.627  -17.153 0.032   1.00 89.53  ? 22 K   B K     1 
HETATM 910 O O     . HOH D 4 .  ? 9.556   -16.322 4.552   1.00 37.17  ? 23 HOH A O     1 
HETATM 911 O O     . HOH D 4 .  ? 8.122   -15.572 10.566  1.00 62.26  ? 24 HOH A O     1 
HETATM 912 O O     . HOH D 4 .  ? 6.908   -12.739 8.991   1.00 92.05  ? 25 HOH A O     1 
HETATM 913 O O     . HOH D 4 .  ? -4.499  5.987   -1.144  1.00 81.43  ? 26 HOH A O     1 
HETATM 914 O O     . HOH D 4 .  ? -13.968 23.588  -5.176  1.00 59.59  ? 27 HOH A O     1 
HETATM 915 O O     . HOH D 4 .  ? -3.612  13.982  -1.068  1.00 86.18  ? 28 HOH A O     1 
HETATM 916 O O     . HOH E 4 .  ? 2.925   -6.243  0.490   1.00 62.03  ? 23 HOH B O     1 
HETATM 917 O O     . HOH E 4 .  ? 5.695   -2.228  1.591   1.00 59.87  ? 24 HOH B O     1 
HETATM 918 O O     . HOH E 4 .  ? 7.004   1.604   0.275   1.00 59.38  ? 25 HOH B O     1 
HETATM 919 O O     . HOH E 4 .  ? -14.158 16.026  -3.381  1.00 59.87  ? 26 HOH B O     1 
HETATM 920 O O     . HOH E 4 .  ? 10.769  -23.604 4.068   0.50 77.01  ? 27 HOH B O     1 
HETATM 921 O O     . HOH E 4 .  ? 9.520   -25.949 0.709   1.00 83.59  ? 28 HOH B O     1 
HETATM 922 O O     . HOH E 4 .  ? 4.067   -17.172 3.873   1.00 66.36  ? 29 HOH B O     1 
# 
